data_8FNQ
#
_entry.id   8FNQ
#
loop_
_entity.id
_entity.type
_entity.pdbx_description
1 polymer 'Lamina-associated polypeptide 2, isoform alpha,Integrase chimera'
2 polymer 'DNA (27-MER)'
3 polymer 'DNA (25-MER)'
4 non-polymer 4-amino-N-[(2,4-difluorophenyl)methyl]-1-hydroxy-6-(6-hydroxyhexyl)-2-oxo-1,2-dihydro-1,8-naphthyridine-3-carboxamide
5 non-polymer 'MAGNESIUM ION'
6 non-polymer 'ZINC ION'
7 water water
#
loop_
_entity_poly.entity_id
_entity_poly.type
_entity_poly.pdbx_seq_one_letter_code
_entity_poly.pdbx_strand_id
1 'polypeptide(L)'
;GSHMPKRGRPAATEVKIPKPRGRPPLPAGTNSKGPPDFSSDEEREPTPVLGSGAAAAGQSRAAVGRKATKKTDGGGFLDG
IDKAQEEHEKYHSNWRAMASDFNLPPVVAKEIVASCDKCQLKGEAMHGQVDCSPGIWQLDCTHLEGKVILVAVHVASGYI
EAEVIPAETGQETAYFLLKLAGRWPVKTVHTDNGSNFTSTTVKAACWWAGIKQKFAIPYNPQSKGVIESMNKELKKIIGQ
VRDQAEHLKTAVQMAVFIHNFKRKGGIGGYSAGERIVDIIATDIQTKELQKQITKIQNFRVYYRDSRDPVWKGPAKLLWK
GEGAVVIQDNSDIKVVPRRKAKIIRDYGKQMAGDDCVASRQDED
;
A,B,C,D,G,H,I,J
2 'polydeoxyribonucleotide'
;(DA)(DC)(DT)(DG)(DC)(DT)(DA)(DG)(DA)(DG)(DA)(DT)(DT)(DT)(DT)(DC)(DC)(DC)(DG)(DC)
(DC)(DC)(DA)(DC)(DG)(DC)(DT)
;
E,K
3 'polydeoxyribonucleotide'
;(DA)(DG)(DC)(DG)(DT)(DG)(DG)(DG)(DC)(DG)(DG)(DG)(DA)(DA)(DA)(DA)(DT)(DC)(DT)(DC)
(DT)(DA)(DG)(DC)(DA)
;
F,L
#
# COMPACT_ATOMS: atom_id res chain seq x y z
N PHE A 77 -37.73 -6.82 16.69
CA PHE A 77 -36.97 -7.39 15.59
C PHE A 77 -36.92 -8.91 15.70
N LEU A 78 -37.57 -9.45 16.73
CA LEU A 78 -37.43 -10.86 17.07
C LEU A 78 -37.66 -11.76 15.86
N ASP A 79 -38.76 -11.53 15.14
CA ASP A 79 -39.04 -12.33 13.95
C ASP A 79 -37.98 -12.10 12.88
N GLY A 80 -37.67 -10.84 12.59
CA GLY A 80 -36.65 -10.55 11.61
C GLY A 80 -35.28 -11.05 12.02
N ILE A 81 -34.97 -10.98 13.32
CA ILE A 81 -33.68 -11.46 13.81
C ILE A 81 -33.57 -12.97 13.62
N ASP A 82 -34.62 -13.71 14.00
CA ASP A 82 -34.58 -15.16 13.86
C ASP A 82 -34.52 -15.57 12.39
N LYS A 83 -35.24 -14.86 11.53
CA LYS A 83 -35.15 -15.13 10.10
C LYS A 83 -33.74 -14.87 9.58
N ALA A 84 -33.13 -13.77 10.03
CA ALA A 84 -31.78 -13.42 9.58
C ALA A 84 -30.76 -14.43 10.06
N GLN A 85 -30.95 -14.98 11.26
CA GLN A 85 -30.01 -15.97 11.77
C GLN A 85 -30.03 -17.25 10.94
N GLU A 86 -31.22 -17.72 10.57
CA GLU A 86 -31.32 -18.89 9.69
C GLU A 86 -30.75 -18.57 8.30
N GLU A 87 -31.06 -17.39 7.78
CA GLU A 87 -30.52 -16.98 6.49
C GLU A 87 -28.99 -16.96 6.52
N HIS A 88 -28.41 -16.51 7.62
CA HIS A 88 -26.95 -16.47 7.73
C HIS A 88 -26.38 -17.87 7.90
N GLU A 89 -27.06 -18.73 8.66
CA GLU A 89 -26.60 -20.10 8.80
C GLU A 89 -26.56 -20.80 7.45
N LYS A 90 -27.46 -20.44 6.54
CA LYS A 90 -27.39 -21.00 5.20
C LYS A 90 -26.33 -20.31 4.34
N TYR A 91 -26.36 -18.97 4.27
CA TYR A 91 -25.59 -18.23 3.28
C TYR A 91 -24.42 -17.45 3.84
N HIS A 92 -24.35 -17.24 5.16
CA HIS A 92 -23.29 -16.43 5.77
C HIS A 92 -23.24 -15.03 5.18
N SER A 93 -24.43 -14.42 5.04
CA SER A 93 -24.54 -13.08 4.50
C SER A 93 -23.92 -12.05 5.44
N ASN A 94 -23.39 -10.98 4.86
CA ASN A 94 -22.77 -9.94 5.66
C ASN A 94 -23.83 -9.06 6.31
N TRP A 95 -23.40 -8.22 7.25
CA TRP A 95 -24.34 -7.45 8.05
C TRP A 95 -25.19 -6.52 7.19
N ARG A 96 -24.60 -5.96 6.13
CA ARG A 96 -25.34 -5.08 5.25
C ARG A 96 -26.51 -5.81 4.59
N ALA A 97 -26.27 -7.03 4.11
CA ALA A 97 -27.32 -7.78 3.42
C ALA A 97 -28.48 -8.10 4.37
N MET A 98 -28.17 -8.56 5.58
CA MET A 98 -29.23 -8.92 6.51
C MET A 98 -29.97 -7.69 7.04
N ALA A 99 -29.26 -6.57 7.21
CA ALA A 99 -29.94 -5.33 7.57
C ALA A 99 -30.90 -4.89 6.47
N SER A 100 -30.48 -5.04 5.21
CA SER A 100 -31.33 -4.62 4.11
C SER A 100 -32.51 -5.57 3.91
N ASP A 101 -32.30 -6.87 4.14
CA ASP A 101 -33.30 -7.86 3.79
C ASP A 101 -34.18 -8.29 4.95
N PHE A 102 -33.89 -7.87 6.17
CA PHE A 102 -34.75 -8.19 7.30
C PHE A 102 -35.09 -6.96 8.14
N ASN A 103 -34.80 -5.75 7.64
CA ASN A 103 -35.07 -4.51 8.35
C ASN A 103 -34.46 -4.55 9.76
N LEU A 104 -33.15 -4.66 9.79
CA LEU A 104 -32.42 -4.76 11.04
C LEU A 104 -31.54 -3.54 11.25
N PRO A 105 -31.36 -3.12 12.51
CA PRO A 105 -30.35 -2.09 12.78
C PRO A 105 -28.96 -2.62 12.47
N PRO A 106 -28.04 -1.75 12.04
CA PRO A 106 -26.68 -2.22 11.74
C PRO A 106 -26.00 -2.89 12.92
N VAL A 107 -26.30 -2.46 14.14
CA VAL A 107 -25.69 -3.08 15.32
C VAL A 107 -26.12 -4.55 15.44
N VAL A 108 -27.40 -4.83 15.21
CA VAL A 108 -27.90 -6.19 15.36
C VAL A 108 -27.36 -7.10 14.27
N ALA A 109 -27.31 -6.61 13.03
CA ALA A 109 -26.75 -7.41 11.94
C ALA A 109 -25.26 -7.66 12.14
N LYS A 110 -24.54 -6.64 12.60
CA LYS A 110 -23.12 -6.81 12.91
C LYS A 110 -22.92 -7.82 14.03
N GLU A 111 -23.84 -7.83 15.01
CA GLU A 111 -23.76 -8.82 16.08
C GLU A 111 -24.02 -10.23 15.54
N ILE A 112 -24.96 -10.35 14.60
CA ILE A 112 -25.24 -11.65 14.01
C ILE A 112 -24.01 -12.18 13.28
N VAL A 113 -23.36 -11.33 12.49
CA VAL A 113 -22.15 -11.77 11.81
C VAL A 113 -21.04 -12.08 12.81
N ALA A 114 -20.87 -11.23 13.81
CA ALA A 114 -19.77 -11.35 14.75
C ALA A 114 -19.86 -12.59 15.62
N SER A 115 -21.03 -13.23 15.69
CA SER A 115 -21.21 -14.42 16.50
C SER A 115 -21.05 -15.71 15.70
N CYS A 116 -20.70 -15.62 14.42
CA CYS A 116 -20.50 -16.78 13.58
C CYS A 116 -19.00 -17.02 13.41
N ASP A 117 -18.53 -18.17 13.87
CA ASP A 117 -17.11 -18.49 13.74
C ASP A 117 -16.68 -18.63 12.29
N LYS A 118 -17.61 -19.02 11.41
CA LYS A 118 -17.27 -19.26 10.01
C LYS A 118 -17.02 -17.99 9.22
N CYS A 119 -17.26 -16.82 9.81
CA CYS A 119 -17.06 -15.55 9.12
C CYS A 119 -15.86 -14.77 9.62
N GLN A 120 -15.15 -15.26 10.64
CA GLN A 120 -13.98 -14.58 11.20
C GLN A 120 -12.77 -15.01 10.39
N LEU A 121 -12.53 -14.33 9.28
CA LEU A 121 -11.49 -14.73 8.34
C LEU A 121 -10.60 -13.55 7.94
N LYS A 122 -10.49 -12.54 8.79
CA LYS A 122 -9.72 -11.35 8.43
C LYS A 122 -9.21 -10.64 9.67
N GLY A 123 -7.95 -10.21 9.62
CA GLY A 123 -7.34 -9.46 10.70
C GLY A 123 -7.40 -7.95 10.45
N GLU A 124 -7.01 -7.20 11.47
CA GLU A 124 -7.06 -5.75 11.36
C GLU A 124 -5.99 -5.24 10.40
N ALA A 125 -6.32 -4.14 9.72
CA ALA A 125 -5.52 -3.66 8.60
C ALA A 125 -4.55 -2.58 9.09
N MET A 126 -3.49 -3.05 9.76
CA MET A 126 -2.48 -2.17 10.32
C MET A 126 -1.12 -2.82 10.12
N HIS A 127 -0.11 -2.24 10.75
CA HIS A 127 1.21 -2.84 10.83
C HIS A 127 1.83 -2.43 12.15
N GLY A 128 2.73 -3.26 12.65
CA GLY A 128 3.54 -2.90 13.80
C GLY A 128 4.72 -2.06 13.38
N GLN A 129 5.59 -1.80 14.35
CA GLN A 129 6.82 -1.06 14.11
C GLN A 129 7.95 -1.75 14.86
N VAL A 130 9.01 -2.13 14.14
CA VAL A 130 10.13 -2.83 14.75
C VAL A 130 10.84 -1.91 15.75
N ASP A 131 11.57 -2.54 16.66
CA ASP A 131 12.42 -1.79 17.57
C ASP A 131 13.53 -1.10 16.80
N CYS A 132 13.82 0.15 17.18
CA CYS A 132 14.86 0.94 16.53
C CYS A 132 15.89 1.46 17.53
N SER A 133 16.02 0.81 18.68
CA SER A 133 16.98 1.25 19.69
C SER A 133 18.40 1.16 19.13
N PRO A 134 19.32 1.97 19.65
CA PRO A 134 20.67 2.03 19.06
C PRO A 134 21.44 0.72 19.13
N GLY A 135 21.07 -0.19 20.03
CA GLY A 135 21.78 -1.46 20.14
C GLY A 135 21.12 -2.60 19.40
N ILE A 136 20.23 -2.28 18.46
CA ILE A 136 19.35 -3.26 17.83
C ILE A 136 20.00 -3.70 16.52
N TRP A 137 20.21 -5.00 16.34
CA TRP A 137 20.71 -5.54 15.09
C TRP A 137 19.76 -6.62 14.58
N GLN A 138 19.55 -6.64 13.27
CA GLN A 138 18.70 -7.65 12.63
C GLN A 138 19.56 -8.52 11.72
N LEU A 139 19.52 -9.83 11.95
CA LEU A 139 20.34 -10.79 11.21
C LEU A 139 19.47 -11.71 10.38
N ASP A 140 19.97 -12.09 9.21
CA ASP A 140 19.25 -12.99 8.32
C ASP A 140 20.25 -13.68 7.40
N CYS A 141 19.79 -14.73 6.74
CA CYS A 141 20.56 -15.41 5.71
C CYS A 141 19.83 -15.27 4.38
N THR A 142 20.55 -14.89 3.35
CA THR A 142 20.02 -14.86 2.00
C THR A 142 20.87 -15.77 1.12
N HIS A 143 20.35 -16.10 -0.05
CA HIS A 143 20.99 -17.06 -0.93
C HIS A 143 21.21 -16.44 -2.31
N LEU A 144 22.44 -16.59 -2.82
CA LEU A 144 22.78 -16.01 -4.11
C LEU A 144 23.77 -16.93 -4.79
N GLU A 145 23.46 -17.32 -6.03
CA GLU A 145 24.34 -18.15 -6.85
C GLU A 145 24.71 -19.45 -6.13
N GLY A 146 23.75 -20.02 -5.41
CA GLY A 146 23.98 -21.25 -4.71
C GLY A 146 24.81 -21.14 -3.45
N LYS A 147 25.13 -19.92 -3.03
CA LYS A 147 25.92 -19.69 -1.84
C LYS A 147 25.08 -18.93 -0.82
N VAL A 148 25.52 -18.99 0.44
CA VAL A 148 24.80 -18.40 1.55
C VAL A 148 25.52 -17.13 1.98
N ILE A 149 24.77 -16.04 2.13
CA ILE A 149 25.28 -14.78 2.63
C ILE A 149 24.56 -14.46 3.93
N LEU A 150 25.32 -14.37 5.00
CA LEU A 150 24.80 -13.96 6.30
C LEU A 150 24.92 -12.45 6.41
N VAL A 151 23.80 -11.77 6.66
CA VAL A 151 23.74 -10.31 6.65
C VAL A 151 23.18 -9.83 7.98
N ALA A 152 23.86 -8.84 8.57
CA ALA A 152 23.39 -8.10 9.72
C ALA A 152 23.15 -6.65 9.32
N VAL A 153 22.16 -6.03 9.93
CA VAL A 153 21.89 -4.62 9.73
C VAL A 153 21.69 -3.94 11.07
N HIS A 154 22.26 -2.74 11.21
CA HIS A 154 21.96 -1.85 12.32
C HIS A 154 20.68 -1.09 11.98
N VAL A 155 19.62 -1.32 12.77
CA VAL A 155 18.30 -0.83 12.40
C VAL A 155 18.26 0.69 12.43
N ALA A 156 18.92 1.30 13.41
CA ALA A 156 18.85 2.75 13.56
C ALA A 156 19.43 3.46 12.34
N SER A 157 20.55 2.95 11.81
CA SER A 157 21.28 3.65 10.76
C SER A 157 21.18 3.02 9.39
N GLY A 158 20.91 1.71 9.30
CA GLY A 158 20.94 1.03 8.03
C GLY A 158 22.31 0.53 7.62
N TYR A 159 23.30 0.63 8.50
CA TYR A 159 24.63 0.12 8.25
C TYR A 159 24.61 -1.41 8.23
N ILE A 160 25.19 -2.00 7.20
CA ILE A 160 25.11 -3.44 6.99
C ILE A 160 26.49 -4.08 7.15
N GLU A 161 26.47 -5.36 7.49
CA GLU A 161 27.63 -6.23 7.43
C GLU A 161 27.18 -7.51 6.73
N ALA A 162 28.04 -8.08 5.88
CA ALA A 162 27.67 -9.29 5.17
C ALA A 162 28.88 -10.16 4.98
N GLU A 163 28.67 -11.48 5.02
CA GLU A 163 29.74 -12.43 4.74
C GLU A 163 29.18 -13.65 4.03
N VAL A 164 29.88 -14.11 3.02
CA VAL A 164 29.55 -15.37 2.36
C VAL A 164 30.11 -16.51 3.19
N ILE A 165 29.27 -17.50 3.51
CA ILE A 165 29.65 -18.60 4.39
C ILE A 165 29.45 -19.93 3.68
N PRO A 166 30.23 -20.96 4.02
CA PRO A 166 30.04 -22.27 3.37
C PRO A 166 28.67 -22.88 3.59
N ALA A 167 28.08 -22.73 4.77
CA ALA A 167 26.79 -23.35 5.04
C ALA A 167 26.06 -22.57 6.12
N GLU A 168 24.74 -22.75 6.16
CA GLU A 168 23.87 -22.12 7.16
C GLU A 168 23.98 -22.89 8.47
N THR A 169 25.16 -22.84 9.07
CA THR A 169 25.46 -23.60 10.27
C THR A 169 25.43 -22.69 11.50
N GLY A 170 25.22 -23.31 12.67
CA GLY A 170 25.22 -22.57 13.91
C GLY A 170 26.58 -22.01 14.28
N GLN A 171 27.65 -22.78 14.02
CA GLN A 171 28.99 -22.28 14.32
C GLN A 171 29.36 -21.12 13.41
N GLU A 172 28.98 -21.18 12.14
CA GLU A 172 29.25 -20.06 11.24
C GLU A 172 28.53 -18.80 11.70
N THR A 173 27.27 -18.93 12.10
CA THR A 173 26.52 -17.79 12.59
C THR A 173 27.10 -17.25 13.89
N ALA A 174 27.54 -18.15 14.78
CA ALA A 174 28.15 -17.72 16.02
C ALA A 174 29.45 -16.98 15.78
N TYR A 175 30.26 -17.43 14.82
CA TYR A 175 31.50 -16.73 14.49
C TYR A 175 31.22 -15.36 13.90
N PHE A 176 30.25 -15.28 12.98
CA PHE A 176 29.85 -13.99 12.43
C PHE A 176 29.39 -13.04 13.53
N LEU A 177 28.60 -13.55 14.47
CA LEU A 177 28.05 -12.69 15.52
C LEU A 177 29.13 -12.27 16.51
N LEU A 178 30.08 -13.15 16.81
CA LEU A 178 31.20 -12.75 17.66
C LEU A 178 32.02 -11.65 17.01
N LYS A 179 32.26 -11.76 15.71
CA LYS A 179 32.95 -10.70 15.00
C LYS A 179 32.18 -9.39 15.08
N LEU A 180 30.87 -9.44 14.82
CA LEU A 180 30.06 -8.23 14.85
C LEU A 180 30.07 -7.59 16.24
N ALA A 181 29.94 -8.41 17.28
CA ALA A 181 29.94 -7.89 18.65
C ALA A 181 31.29 -7.32 19.03
N GLY A 182 32.38 -7.88 18.50
CA GLY A 182 33.69 -7.33 18.77
C GLY A 182 33.99 -6.07 18.01
N ARG A 183 33.27 -5.81 16.92
CA ARG A 183 33.53 -4.62 16.12
C ARG A 183 32.58 -3.47 16.41
N TRP A 184 31.36 -3.74 16.86
CA TRP A 184 30.37 -2.70 17.12
C TRP A 184 29.66 -3.01 18.42
N PRO A 185 29.06 -2.01 19.07
CA PRO A 185 28.33 -2.27 20.32
C PRO A 185 26.97 -2.91 20.09
N VAL A 186 26.94 -4.24 20.01
CA VAL A 186 25.71 -5.00 19.77
C VAL A 186 25.12 -5.41 21.12
N LYS A 187 23.90 -4.97 21.39
CA LYS A 187 23.21 -5.31 22.64
C LYS A 187 22.14 -6.37 22.49
N THR A 188 21.47 -6.44 21.33
CA THR A 188 20.58 -7.57 21.07
C THR A 188 20.44 -7.77 19.57
N VAL A 189 20.08 -8.99 19.19
CA VAL A 189 19.90 -9.37 17.80
C VAL A 189 18.47 -9.84 17.60
N HIS A 190 17.90 -9.52 16.45
CA HIS A 190 16.56 -9.95 16.08
C HIS A 190 16.68 -10.82 14.83
N THR A 191 16.39 -12.11 14.99
CA THR A 191 16.47 -13.07 13.90
C THR A 191 15.17 -13.85 13.82
N ASP A 192 14.96 -14.50 12.68
CA ASP A 192 13.84 -15.42 12.54
C ASP A 192 14.23 -16.74 13.20
N ASN A 193 13.44 -17.78 13.00
CA ASN A 193 13.65 -19.05 13.69
C ASN A 193 14.27 -20.11 12.79
N GLY A 194 15.17 -19.70 11.91
CA GLY A 194 15.98 -20.67 11.19
C GLY A 194 16.84 -21.50 12.12
N SER A 195 17.23 -22.68 11.64
CA SER A 195 17.90 -23.63 12.52
C SER A 195 19.24 -23.10 13.03
N ASN A 196 19.96 -22.35 12.19
CA ASN A 196 21.25 -21.82 12.62
C ASN A 196 21.10 -20.78 13.73
N PHE A 197 20.09 -19.91 13.62
CA PHE A 197 19.93 -18.85 14.61
C PHE A 197 19.46 -19.39 15.94
N THR A 198 18.77 -20.53 15.95
CA THR A 198 18.26 -21.14 17.17
C THR A 198 19.22 -22.17 17.75
N SER A 199 20.41 -22.31 17.18
CA SER A 199 21.37 -23.29 17.66
C SER A 199 21.92 -22.89 19.02
N THR A 200 22.42 -23.90 19.75
CA THR A 200 23.01 -23.66 21.06
C THR A 200 24.31 -22.90 20.97
N THR A 201 25.05 -23.07 19.86
CA THR A 201 26.31 -22.35 19.70
C THR A 201 26.09 -20.84 19.61
N VAL A 202 25.07 -20.42 18.85
CA VAL A 202 24.76 -18.99 18.77
C VAL A 202 24.30 -18.48 20.12
N LYS A 203 23.56 -19.30 20.88
CA LYS A 203 23.14 -18.90 22.21
C LYS A 203 24.33 -18.69 23.13
N ALA A 204 25.31 -19.59 23.07
CA ALA A 204 26.52 -19.43 23.87
C ALA A 204 27.32 -18.20 23.45
N ALA A 205 27.40 -17.95 22.15
CA ALA A 205 28.09 -16.75 21.67
C ALA A 205 27.40 -15.49 22.19
N CYS A 206 26.07 -15.46 22.13
CA CYS A 206 25.34 -14.29 22.63
C CYS A 206 25.52 -14.14 24.13
N TRP A 207 25.54 -15.25 24.87
CA TRP A 207 25.76 -15.17 26.31
C TRP A 207 27.15 -14.64 26.64
N TRP A 208 28.17 -15.08 25.90
CA TRP A 208 29.51 -14.60 26.17
C TRP A 208 29.65 -13.13 25.79
N ALA A 209 29.02 -12.71 24.69
CA ALA A 209 29.14 -11.34 24.21
C ALA A 209 28.15 -10.39 24.89
N GLY A 210 27.31 -10.89 25.78
CA GLY A 210 26.31 -10.05 26.42
C GLY A 210 25.24 -9.55 25.46
N ILE A 211 24.79 -10.41 24.54
CA ILE A 211 23.78 -10.06 23.56
C ILE A 211 22.49 -10.78 23.92
N LYS A 212 21.39 -10.06 23.90
CA LYS A 212 20.06 -10.64 24.07
C LYS A 212 19.51 -11.10 22.71
N GLN A 213 18.74 -12.17 22.74
CA GLN A 213 18.18 -12.73 21.52
C GLN A 213 16.66 -12.52 21.51
N LYS A 214 16.18 -11.86 20.46
CA LYS A 214 14.75 -11.68 20.21
C LYS A 214 14.43 -12.41 18.93
N PHE A 215 13.61 -13.45 19.03
CA PHE A 215 13.21 -14.22 17.86
C PHE A 215 11.86 -13.73 17.36
N ALA A 216 11.75 -13.60 16.04
CA ALA A 216 10.53 -13.12 15.44
C ALA A 216 9.40 -14.15 15.59
N ILE A 217 8.19 -13.69 15.37
CA ILE A 217 7.05 -14.62 15.27
C ILE A 217 7.28 -15.53 14.08
N PRO A 218 7.12 -16.84 14.21
CA PRO A 218 7.43 -17.74 13.09
C PRO A 218 6.59 -17.44 11.86
N TYR A 219 7.22 -17.57 10.70
CA TYR A 219 6.60 -17.33 9.40
C TYR A 219 6.07 -15.89 9.29
N ASN A 220 6.74 -14.94 9.92
CA ASN A 220 6.39 -13.53 9.83
C ASN A 220 7.65 -12.75 9.47
N PRO A 221 7.99 -12.71 8.18
CA PRO A 221 9.21 -11.98 7.77
C PRO A 221 9.16 -10.50 8.06
N GLN A 222 7.96 -9.91 8.12
CA GLN A 222 7.81 -8.48 8.37
C GLN A 222 8.44 -8.08 9.70
N SER A 223 8.51 -9.01 10.65
CA SER A 223 9.12 -8.73 11.93
C SER A 223 10.57 -8.28 11.79
N LYS A 224 11.25 -8.70 10.74
CA LYS A 224 12.61 -8.27 10.47
C LYS A 224 12.67 -7.51 9.15
N GLY A 225 11.62 -6.72 8.87
CA GLY A 225 11.49 -6.10 7.57
C GLY A 225 12.73 -5.35 7.12
N VAL A 226 13.35 -4.61 8.05
CA VAL A 226 14.57 -3.87 7.74
C VAL A 226 15.57 -4.77 7.04
N ILE A 227 16.00 -5.84 7.72
CA ILE A 227 17.02 -6.68 7.12
C ILE A 227 16.53 -7.27 5.81
N GLU A 228 15.24 -7.62 5.75
CA GLU A 228 14.68 -8.15 4.51
C GLU A 228 14.87 -7.14 3.39
N SER A 229 14.50 -5.89 3.63
CA SER A 229 14.73 -4.85 2.63
C SER A 229 16.20 -4.76 2.28
N MET A 230 17.06 -4.78 3.30
CA MET A 230 18.49 -4.70 3.05
C MET A 230 18.94 -5.85 2.17
N ASN A 231 18.41 -7.06 2.43
CA ASN A 231 18.69 -8.18 1.55
C ASN A 231 18.50 -7.78 0.11
N LYS A 232 17.29 -7.30 -0.23
CA LYS A 232 17.02 -6.87 -1.58
C LYS A 232 18.05 -5.84 -2.03
N GLU A 233 18.23 -4.80 -1.22
CA GLU A 233 19.18 -3.75 -1.56
C GLU A 233 20.55 -4.34 -1.80
N LEU A 234 21.02 -5.19 -0.89
CA LEU A 234 22.36 -5.76 -1.04
C LEU A 234 22.45 -6.51 -2.36
N LYS A 235 21.46 -7.35 -2.65
CA LYS A 235 21.49 -8.12 -3.88
C LYS A 235 21.50 -7.19 -5.08
N LYS A 236 20.71 -6.12 -5.03
CA LYS A 236 20.70 -5.16 -6.12
C LYS A 236 22.10 -4.64 -6.38
N ILE A 237 22.81 -4.25 -5.32
CA ILE A 237 24.14 -3.70 -5.51
C ILE A 237 25.07 -4.77 -6.07
N ILE A 238 24.91 -6.02 -5.61
CA ILE A 238 25.71 -7.09 -6.16
C ILE A 238 25.46 -7.21 -7.65
N GLY A 239 24.18 -7.13 -8.05
CA GLY A 239 23.87 -7.20 -9.47
C GLY A 239 24.49 -6.08 -10.27
N GLN A 240 24.85 -4.98 -9.61
CA GLN A 240 25.47 -3.86 -10.31
C GLN A 240 26.96 -4.04 -10.47
N VAL A 241 27.60 -4.84 -9.60
CA VAL A 241 29.05 -4.90 -9.56
C VAL A 241 29.57 -6.32 -9.77
N ARG A 242 28.71 -7.26 -10.16
CA ARG A 242 29.11 -8.65 -10.25
C ARG A 242 30.23 -8.86 -11.26
N ASP A 243 30.27 -8.04 -12.31
CA ASP A 243 31.33 -8.18 -13.31
C ASP A 243 32.68 -7.68 -12.80
N GLN A 244 32.70 -6.82 -11.79
CA GLN A 244 33.94 -6.29 -11.26
C GLN A 244 34.68 -7.28 -10.37
N ALA A 245 34.04 -8.38 -9.98
CA ALA A 245 34.64 -9.37 -9.10
C ALA A 245 34.44 -10.75 -9.71
N GLU A 246 35.43 -11.63 -9.52
CA GLU A 246 35.29 -12.97 -10.07
C GLU A 246 34.63 -13.91 -9.07
N HIS A 247 35.02 -13.86 -7.79
CA HIS A 247 34.28 -14.56 -6.76
C HIS A 247 33.05 -13.79 -6.33
N LEU A 248 32.11 -14.50 -5.70
CA LEU A 248 30.95 -13.85 -5.12
C LEU A 248 31.27 -13.15 -3.81
N LYS A 249 32.24 -13.67 -3.03
CA LYS A 249 32.57 -13.03 -1.76
C LYS A 249 33.12 -11.62 -1.98
N THR A 250 33.97 -11.44 -2.99
CA THR A 250 34.50 -10.13 -3.29
C THR A 250 33.39 -9.17 -3.72
N ALA A 251 32.47 -9.65 -4.55
CA ALA A 251 31.34 -8.81 -4.97
C ALA A 251 30.45 -8.46 -3.77
N VAL A 252 30.29 -9.38 -2.83
CA VAL A 252 29.52 -9.10 -1.63
C VAL A 252 30.19 -8.01 -0.82
N GLN A 253 31.51 -8.07 -0.67
CA GLN A 253 32.22 -7.03 0.07
C GLN A 253 32.16 -5.69 -0.67
N MET A 254 32.23 -5.72 -2.00
CA MET A 254 32.07 -4.51 -2.78
C MET A 254 30.69 -3.90 -2.54
N ALA A 255 29.65 -4.73 -2.52
CA ALA A 255 28.30 -4.22 -2.29
C ALA A 255 28.17 -3.65 -0.88
N VAL A 256 28.77 -4.29 0.11
CA VAL A 256 28.74 -3.77 1.47
C VAL A 256 29.40 -2.40 1.53
N PHE A 257 30.56 -2.28 0.89
CA PHE A 257 31.28 -1.00 0.83
C PHE A 257 30.42 0.08 0.18
N ILE A 258 29.80 -0.26 -0.95
CA ILE A 258 29.01 0.72 -1.69
C ILE A 258 27.80 1.16 -0.88
N HIS A 259 27.11 0.21 -0.26
CA HIS A 259 25.96 0.57 0.56
C HIS A 259 26.37 1.46 1.74
N ASN A 260 27.48 1.11 2.39
CA ASN A 260 27.85 1.82 3.61
C ASN A 260 28.44 3.19 3.36
N PHE A 261 29.08 3.42 2.21
CA PHE A 261 29.76 4.70 2.01
C PHE A 261 29.48 5.39 0.67
N LYS A 262 28.73 4.78 -0.24
CA LYS A 262 28.52 5.37 -1.55
C LYS A 262 27.05 5.63 -1.86
N ARG A 263 26.15 5.46 -0.88
CA ARG A 263 24.73 5.72 -1.08
C ARG A 263 24.28 6.67 0.02
N LYS A 264 23.73 7.81 -0.35
CA LYS A 264 23.38 8.86 0.60
C LYS A 264 21.89 9.14 0.60
N GLY A 265 21.35 9.34 1.78
CA GLY A 265 19.93 9.56 1.96
C GLY A 265 19.56 9.40 3.41
N GLY A 266 18.29 9.14 3.66
CA GLY A 266 17.84 8.89 5.01
C GLY A 266 17.70 10.16 5.83
N ILE A 267 17.69 9.98 7.15
CA ILE A 267 17.28 11.07 8.04
C ILE A 267 18.25 12.24 7.97
N GLY A 268 19.54 11.96 7.92
CA GLY A 268 20.51 13.03 7.93
C GLY A 268 21.14 13.34 6.59
N GLY A 269 20.54 12.84 5.51
CA GLY A 269 21.20 12.91 4.22
C GLY A 269 22.51 12.16 4.19
N TYR A 270 22.65 11.16 5.06
CA TYR A 270 23.90 10.50 5.38
C TYR A 270 24.16 9.32 4.45
N SER A 271 25.37 8.79 4.57
CA SER A 271 25.63 7.39 4.25
C SER A 271 25.33 6.54 5.48
N ALA A 272 25.26 5.23 5.28
CA ALA A 272 25.02 4.32 6.40
C ALA A 272 26.16 4.39 7.41
N GLY A 273 27.41 4.46 6.93
CA GLY A 273 28.53 4.57 7.85
C GLY A 273 28.55 5.88 8.61
N GLU A 274 28.31 7.00 7.91
CA GLU A 274 28.20 8.28 8.59
C GLU A 274 27.07 8.27 9.60
N ARG A 275 25.92 7.71 9.22
CA ARG A 275 24.77 7.68 10.12
C ARG A 275 25.04 6.81 11.34
N ILE A 276 25.71 5.68 11.17
CA ILE A 276 25.97 4.83 12.33
C ILE A 276 26.96 5.49 13.27
N VAL A 277 27.99 6.15 12.71
CA VAL A 277 28.93 6.88 13.55
C VAL A 277 28.20 7.97 14.32
N ASP A 278 27.32 8.71 13.64
CA ASP A 278 26.54 9.75 14.30
C ASP A 278 25.66 9.17 15.40
N ILE A 279 24.97 8.06 15.11
CA ILE A 279 24.06 7.47 16.10
C ILE A 279 24.84 7.05 17.34
N ILE A 280 25.96 6.36 17.16
CA ILE A 280 26.70 5.84 18.31
C ILE A 280 27.33 6.97 19.10
N ALA A 281 27.94 7.93 18.42
CA ALA A 281 28.54 9.06 19.11
C ALA A 281 27.50 9.88 19.84
N THR A 282 26.34 10.08 19.21
CA THR A 282 25.25 10.80 19.86
C THR A 282 24.78 10.07 21.10
N ASP A 283 24.67 8.74 21.03
CA ASP A 283 24.26 7.97 22.20
C ASP A 283 25.25 8.20 23.35
N ILE A 284 26.54 8.09 23.07
CA ILE A 284 27.55 8.27 24.12
C ILE A 284 27.49 9.69 24.69
N GLN A 285 27.45 10.69 23.80
CA GLN A 285 27.51 12.08 24.22
C GLN A 285 26.27 12.46 25.02
N THR A 286 25.08 12.07 24.55
CA THR A 286 23.86 12.37 25.27
C THR A 286 23.83 11.67 26.61
N LYS A 287 24.32 10.43 26.68
CA LYS A 287 24.37 9.75 27.97
C LYS A 287 25.23 10.53 28.96
N GLU A 288 26.43 10.93 28.53
CA GLU A 288 27.33 11.65 29.45
C GLU A 288 26.75 13.00 29.84
N LEU A 289 26.16 13.72 28.88
CA LEU A 289 25.57 15.02 29.17
C LEU A 289 24.43 14.91 30.17
N GLN A 290 23.51 13.96 29.95
CA GLN A 290 22.40 13.80 30.87
C GLN A 290 22.87 13.35 32.24
N LYS A 291 23.92 12.54 32.28
CA LYS A 291 24.47 12.13 33.58
C LYS A 291 24.97 13.34 34.35
N GLN A 292 25.73 14.22 33.69
CA GLN A 292 26.21 15.42 34.37
C GLN A 292 25.05 16.32 34.80
N ILE A 293 24.04 16.47 33.93
CA ILE A 293 22.93 17.37 34.24
C ILE A 293 22.15 16.85 35.45
N THR A 294 21.84 15.55 35.47
CA THR A 294 21.14 14.99 36.61
C THR A 294 22.01 15.04 37.86
N LYS A 295 23.34 15.00 37.70
CA LYS A 295 24.21 15.21 38.84
C LYS A 295 24.05 16.61 39.42
N ILE A 296 24.00 17.62 38.54
CA ILE A 296 23.86 19.00 39.01
C ILE A 296 22.42 19.32 39.36
N GLN A 297 21.52 19.20 38.38
CA GLN A 297 20.11 19.53 38.57
C GLN A 297 19.47 18.49 39.48
N ASN A 298 18.96 18.94 40.63
CA ASN A 298 18.36 18.03 41.61
C ASN A 298 17.20 18.77 42.28
N PHE A 299 15.97 18.45 41.88
CA PHE A 299 14.79 19.09 42.44
C PHE A 299 13.65 18.09 42.48
N ARG A 300 12.69 18.38 43.35
CA ARG A 300 11.46 17.61 43.46
C ARG A 300 10.28 18.53 43.13
N VAL A 301 9.37 18.05 42.31
CA VAL A 301 8.25 18.86 41.81
C VAL A 301 6.94 18.23 42.28
N TYR A 302 6.07 19.05 42.85
CA TYR A 302 4.71 18.67 43.15
C TYR A 302 3.77 19.32 42.14
N TYR A 303 2.67 18.62 41.83
CA TYR A 303 1.73 19.12 40.84
C TYR A 303 0.33 18.72 41.23
N ARG A 304 -0.64 19.48 40.72
CA ARG A 304 -2.06 19.23 40.98
C ARG A 304 -2.37 19.18 42.47
N LYS A 312 -0.32 15.70 44.65
CA LYS A 312 0.46 14.55 44.20
C LYS A 312 1.79 14.48 44.93
N GLY A 313 2.51 13.38 44.74
CA GLY A 313 3.74 13.14 45.46
C GLY A 313 4.89 13.92 44.90
N PRO A 314 6.05 13.78 45.55
CA PRO A 314 7.28 14.49 45.12
C PRO A 314 7.92 13.86 43.89
N ALA A 315 7.37 14.21 42.73
CA ALA A 315 7.92 13.71 41.47
C ALA A 315 9.29 14.32 41.20
N LYS A 316 10.21 13.49 40.70
CA LYS A 316 11.54 13.98 40.37
C LYS A 316 11.47 14.89 39.15
N LEU A 317 12.21 16.01 39.22
CA LEU A 317 12.24 16.96 38.12
C LEU A 317 13.08 16.42 36.98
N LEU A 318 12.53 16.45 35.77
CA LEU A 318 13.24 16.02 34.58
C LEU A 318 13.61 17.18 33.67
N TRP A 319 12.65 18.03 33.33
CA TRP A 319 12.91 19.18 32.49
C TRP A 319 11.89 20.26 32.78
N LYS A 320 12.27 21.52 32.58
CA LYS A 320 11.36 22.62 32.83
C LYS A 320 11.64 23.75 31.85
N GLY A 321 10.62 24.53 31.58
CA GLY A 321 10.77 25.74 30.79
C GLY A 321 9.58 25.94 29.86
N GLU A 322 9.47 27.16 29.34
CA GLU A 322 8.46 27.52 28.35
C GLU A 322 7.05 27.26 28.87
N GLY A 323 6.85 27.41 30.18
CA GLY A 323 5.55 27.17 30.77
C GLY A 323 5.16 25.71 30.92
N ALA A 324 6.10 24.79 30.69
CA ALA A 324 5.81 23.37 30.80
C ALA A 324 6.94 22.68 31.57
N VAL A 325 6.56 21.70 32.38
CA VAL A 325 7.49 20.90 33.18
C VAL A 325 7.23 19.43 32.91
N VAL A 326 8.27 18.71 32.51
CA VAL A 326 8.22 17.26 32.35
C VAL A 326 8.82 16.65 33.59
N ILE A 327 8.06 15.76 34.24
CA ILE A 327 8.45 15.14 35.50
C ILE A 327 8.29 13.63 35.38
N GLN A 328 8.84 12.92 36.35
CA GLN A 328 8.72 11.46 36.42
C GLN A 328 8.19 11.09 37.80
N ASP A 329 6.89 10.82 37.88
CA ASP A 329 6.23 10.46 39.13
C ASP A 329 5.99 8.96 39.13
N ASN A 330 6.65 8.26 40.06
CA ASN A 330 6.51 6.82 40.22
C ASN A 330 6.79 6.08 38.91
N SER A 331 7.90 6.45 38.28
CA SER A 331 8.33 5.85 37.01
C SER A 331 7.27 6.01 35.93
N ASP A 332 6.61 7.17 35.90
CA ASP A 332 5.59 7.48 34.90
C ASP A 332 5.84 8.92 34.43
N ILE A 333 6.60 9.06 33.34
CA ILE A 333 6.95 10.39 32.84
C ILE A 333 5.72 11.07 32.30
N LYS A 334 5.52 12.32 32.69
CA LYS A 334 4.34 13.08 32.29
C LYS A 334 4.69 14.55 32.14
N VAL A 335 3.94 15.23 31.27
CA VAL A 335 4.10 16.65 30.99
C VAL A 335 2.97 17.40 31.68
N VAL A 336 3.31 18.48 32.37
CA VAL A 336 2.30 19.32 33.02
C VAL A 336 2.60 20.77 32.68
N PRO A 337 1.58 21.63 32.71
CA PRO A 337 1.84 23.06 32.58
C PRO A 337 2.55 23.62 33.81
N ARG A 338 3.24 24.74 33.62
CA ARG A 338 3.93 25.36 34.73
C ARG A 338 2.96 25.80 35.82
N ARG A 339 1.76 26.22 35.43
CA ARG A 339 0.71 26.48 36.41
C ARG A 339 0.32 25.18 37.11
N LYS A 340 -0.07 25.31 38.37
CA LYS A 340 -0.36 24.16 39.23
C LYS A 340 0.83 23.22 39.31
N ALA A 341 2.00 23.80 39.61
CA ALA A 341 3.22 23.04 39.79
C ALA A 341 4.18 23.85 40.64
N LYS A 342 4.79 23.20 41.63
CA LYS A 342 5.75 23.83 42.53
C LYS A 342 7.03 23.04 42.53
N ILE A 343 8.17 23.74 42.49
CA ILE A 343 9.49 23.12 42.41
C ILE A 343 10.27 23.52 43.65
N ILE A 344 10.82 22.51 44.34
CA ILE A 344 11.62 22.74 45.53
C ILE A 344 13.04 22.24 45.31
N LEU B 78 27.37 36.67 14.56
CA LEU B 78 26.85 37.99 14.26
C LEU B 78 27.46 39.06 15.18
N ASP B 79 26.94 39.16 16.40
CA ASP B 79 27.42 40.18 17.32
C ASP B 79 28.75 39.82 17.95
N GLY B 80 29.08 38.53 18.02
CA GLY B 80 30.25 38.07 18.74
C GLY B 80 31.53 37.94 17.94
N ILE B 81 31.56 38.44 16.70
CA ILE B 81 32.76 38.32 15.88
C ILE B 81 33.92 39.11 16.51
N ASP B 82 33.63 40.33 16.97
CA ASP B 82 34.67 41.16 17.56
C ASP B 82 35.25 40.52 18.82
N LYS B 83 34.38 39.99 19.68
CA LYS B 83 34.86 39.30 20.87
C LYS B 83 35.66 38.06 20.49
N ALA B 84 35.23 37.35 19.45
CA ALA B 84 35.93 36.13 19.03
C ALA B 84 37.33 36.44 18.54
N GLN B 85 37.48 37.50 17.75
CA GLN B 85 38.82 37.88 17.27
C GLN B 85 39.71 38.28 18.44
N GLU B 86 39.17 39.04 19.39
CA GLU B 86 39.94 39.41 20.57
C GLU B 86 40.38 38.18 21.35
N GLU B 87 39.47 37.23 21.53
CA GLU B 87 39.81 36.01 22.26
C GLU B 87 40.89 35.21 21.53
N HIS B 88 40.80 35.13 20.20
CA HIS B 88 41.81 34.40 19.44
C HIS B 88 43.17 35.07 19.54
N GLU B 89 43.20 36.41 19.50
CA GLU B 89 44.47 37.11 19.62
C GLU B 89 45.12 36.89 20.98
N LYS B 90 44.30 36.70 22.02
CA LYS B 90 44.85 36.60 23.36
C LYS B 90 45.31 35.19 23.69
N TYR B 91 44.68 34.17 23.10
CA TYR B 91 44.96 32.78 23.47
C TYR B 91 45.24 31.85 22.31
N HIS B 92 45.03 32.27 21.07
CA HIS B 92 45.27 31.42 19.90
C HIS B 92 44.52 30.10 20.03
N SER B 93 43.21 30.17 20.21
CA SER B 93 42.39 28.99 20.38
C SER B 93 41.86 28.52 19.03
N ASN B 94 41.56 27.22 18.94
CA ASN B 94 41.02 26.66 17.72
C ASN B 94 39.59 27.18 17.49
N TRP B 95 39.06 26.87 16.31
CA TRP B 95 37.75 27.39 15.93
C TRP B 95 36.62 26.71 16.68
N ARG B 96 36.78 25.43 17.03
CA ARG B 96 35.70 24.72 17.71
C ARG B 96 35.39 25.35 19.06
N ALA B 97 36.43 25.67 19.84
CA ALA B 97 36.21 26.27 21.14
C ALA B 97 35.54 27.63 21.02
N MET B 98 36.01 28.45 20.08
CA MET B 98 35.45 29.80 19.93
C MET B 98 34.05 29.75 19.32
N ALA B 99 33.80 28.81 18.40
CA ALA B 99 32.46 28.67 17.84
C ALA B 99 31.48 28.21 18.91
N SER B 100 31.93 27.32 19.80
CA SER B 100 31.07 26.91 20.92
C SER B 100 30.84 28.05 21.89
N ASP B 101 31.89 28.83 22.19
CA ASP B 101 31.79 29.86 23.22
C ASP B 101 30.95 31.04 22.78
N PHE B 102 31.13 31.50 21.54
CA PHE B 102 30.52 32.74 21.08
C PHE B 102 29.42 32.53 20.06
N ASN B 103 28.91 31.30 19.93
CA ASN B 103 27.73 31.00 19.11
C ASN B 103 27.90 31.47 17.67
N LEU B 104 29.08 31.21 17.09
CA LEU B 104 29.28 31.58 15.69
C LEU B 104 29.20 30.35 14.80
N PRO B 105 28.79 30.53 13.54
CA PRO B 105 28.89 29.43 12.59
C PRO B 105 30.33 29.00 12.41
N PRO B 106 30.59 27.70 12.25
CA PRO B 106 31.97 27.22 12.20
C PRO B 106 32.79 27.81 11.07
N VAL B 107 32.16 28.24 9.98
CA VAL B 107 32.91 28.82 8.87
C VAL B 107 33.59 30.11 9.29
N VAL B 108 32.88 30.97 10.01
CA VAL B 108 33.46 32.23 10.47
C VAL B 108 34.58 31.98 11.47
N ALA B 109 34.38 31.05 12.40
CA ALA B 109 35.42 30.73 13.37
C ALA B 109 36.66 30.20 12.68
N LYS B 110 36.48 29.32 11.70
CA LYS B 110 37.61 28.82 10.92
C LYS B 110 38.30 29.97 10.18
N GLU B 111 37.52 30.91 9.66
CA GLU B 111 38.11 32.03 8.92
C GLU B 111 38.97 32.89 9.83
N ILE B 112 38.50 33.19 11.04
CA ILE B 112 39.32 34.03 11.92
C ILE B 112 40.46 33.24 12.55
N VAL B 113 40.34 31.91 12.61
CA VAL B 113 41.47 31.10 13.05
C VAL B 113 42.56 31.08 11.98
N ALA B 114 42.16 31.00 10.71
CA ALA B 114 43.10 30.88 9.60
C ALA B 114 43.55 32.22 9.04
N SER B 115 43.08 33.33 9.60
CA SER B 115 43.52 34.65 9.16
C SER B 115 44.73 35.16 9.92
N CYS B 116 45.20 34.43 10.93
CA CYS B 116 46.35 34.83 11.73
C CYS B 116 47.49 33.85 11.47
N ASP B 117 48.56 34.35 10.86
CA ASP B 117 49.71 33.50 10.55
C ASP B 117 50.42 33.01 11.81
N LYS B 118 50.23 33.70 12.93
CA LYS B 118 50.85 33.27 14.18
C LYS B 118 50.12 32.12 14.84
N CYS B 119 48.92 31.77 14.36
CA CYS B 119 48.16 30.64 14.89
C CYS B 119 48.22 29.43 13.98
N GLN B 120 49.25 29.34 13.13
CA GLN B 120 49.41 28.23 12.21
C GLN B 120 50.73 27.50 12.45
N SER B 133 44.88 11.27 9.71
CA SER B 133 44.96 10.45 10.91
C SER B 133 43.76 9.51 11.10
N PRO B 134 42.52 10.02 11.03
CA PRO B 134 41.37 9.12 11.21
C PRO B 134 41.27 8.04 10.14
N GLY B 135 41.85 8.26 8.98
CA GLY B 135 41.72 7.31 7.89
C GLY B 135 42.94 6.44 7.64
N ILE B 136 43.87 6.41 8.57
CA ILE B 136 45.12 5.67 8.43
C ILE B 136 45.06 4.42 9.30
N TRP B 137 45.25 3.26 8.68
CA TRP B 137 45.30 1.99 9.36
C TRP B 137 46.66 1.34 9.11
N GLN B 138 47.11 0.52 10.05
CA GLN B 138 48.40 -0.11 9.92
C GLN B 138 48.24 -1.61 10.14
N LEU B 139 48.67 -2.41 9.17
CA LEU B 139 48.39 -3.84 9.13
C LEU B 139 49.66 -4.66 9.22
N ASP B 140 49.53 -5.85 9.78
CA ASP B 140 50.63 -6.80 9.86
C ASP B 140 50.08 -8.20 10.07
N CYS B 141 50.86 -9.19 9.66
CA CYS B 141 50.55 -10.59 9.89
C CYS B 141 51.43 -11.13 11.00
N THR B 142 50.80 -11.74 12.00
CA THR B 142 51.51 -12.38 13.10
C THR B 142 51.24 -13.87 13.07
N HIS B 143 51.88 -14.60 13.98
CA HIS B 143 51.77 -16.04 14.03
C HIS B 143 51.54 -16.51 15.46
N LEU B 144 50.65 -17.48 15.61
CA LEU B 144 50.36 -18.08 16.91
C LEU B 144 49.79 -19.46 16.68
N GLU B 145 50.38 -20.46 17.32
CA GLU B 145 49.93 -21.85 17.22
C GLU B 145 49.90 -22.33 15.76
N GLY B 146 50.86 -21.86 14.98
CA GLY B 146 50.92 -22.25 13.58
C GLY B 146 49.90 -21.57 12.70
N LYS B 147 49.16 -20.60 13.22
CA LYS B 147 48.13 -19.90 12.48
C LYS B 147 48.53 -18.44 12.29
N VAL B 148 48.40 -17.94 11.07
CA VAL B 148 48.71 -16.57 10.74
C VAL B 148 47.48 -15.72 10.99
N ILE B 149 47.61 -14.71 11.86
CA ILE B 149 46.55 -13.78 12.19
C ILE B 149 46.85 -12.45 11.54
N LEU B 150 45.93 -11.96 10.73
CA LEU B 150 46.06 -10.65 10.10
C LEU B 150 45.40 -9.60 10.99
N VAL B 151 46.17 -8.57 11.34
CA VAL B 151 45.75 -7.55 12.29
C VAL B 151 45.86 -6.19 11.64
N ALA B 152 44.78 -5.40 11.71
CA ALA B 152 44.79 -4.00 11.33
C ALA B 152 44.50 -3.16 12.57
N VAL B 153 45.29 -2.09 12.75
CA VAL B 153 45.12 -1.19 13.88
C VAL B 153 44.75 0.18 13.36
N HIS B 154 43.72 0.78 13.94
CA HIS B 154 43.45 2.20 13.77
C HIS B 154 44.42 2.98 14.66
N VAL B 155 45.34 3.71 14.03
CA VAL B 155 46.44 4.32 14.76
C VAL B 155 45.92 5.36 15.74
N ALA B 156 44.96 6.18 15.31
CA ALA B 156 44.48 7.28 16.14
C ALA B 156 43.81 6.79 17.41
N SER B 157 43.14 5.63 17.36
CA SER B 157 42.30 5.19 18.46
C SER B 157 42.78 3.92 19.16
N GLY B 158 43.59 3.10 18.52
CA GLY B 158 43.91 1.80 19.09
C GLY B 158 42.92 0.71 18.77
N TYR B 159 41.91 1.02 17.96
CA TYR B 159 40.93 0.03 17.52
C TYR B 159 41.60 -1.03 16.65
N ILE B 160 41.19 -2.29 16.84
CA ILE B 160 41.81 -3.39 16.12
C ILE B 160 40.75 -4.20 15.39
N GLU B 161 41.13 -4.70 14.22
CA GLU B 161 40.37 -5.70 13.48
C GLU B 161 41.34 -6.83 13.14
N ALA B 162 41.18 -7.97 13.79
CA ALA B 162 42.09 -9.10 13.62
C ALA B 162 41.30 -10.34 13.28
N GLU B 163 41.82 -11.12 12.34
CA GLU B 163 41.18 -12.40 12.02
C GLU B 163 42.21 -13.40 11.53
N VAL B 164 41.91 -14.67 11.73
CA VAL B 164 42.80 -15.76 11.32
C VAL B 164 42.52 -16.09 9.87
N ILE B 165 43.55 -15.98 9.03
CA ILE B 165 43.41 -16.22 7.60
C ILE B 165 44.02 -17.58 7.26
N PRO B 166 43.53 -18.26 6.22
CA PRO B 166 44.08 -19.59 5.89
C PRO B 166 45.57 -19.60 5.63
N ALA B 167 46.08 -18.58 4.95
CA ALA B 167 47.50 -18.54 4.62
C ALA B 167 47.91 -17.10 4.37
N GLU B 168 49.18 -16.82 4.62
CA GLU B 168 49.74 -15.48 4.43
C GLU B 168 49.90 -15.20 2.95
N THR B 169 48.78 -15.02 2.25
CA THR B 169 48.76 -14.90 0.80
C THR B 169 48.13 -13.58 0.42
N GLY B 170 48.47 -13.10 -0.77
CA GLY B 170 47.91 -11.84 -1.24
C GLY B 170 46.41 -11.83 -1.33
N GLN B 171 45.82 -12.97 -1.70
CA GLN B 171 44.36 -13.03 -1.86
C GLN B 171 43.65 -12.79 -0.53
N GLU B 172 44.12 -13.45 0.53
CA GLU B 172 43.51 -13.25 1.84
C GLU B 172 43.69 -11.83 2.32
N THR B 173 44.86 -11.24 2.05
CA THR B 173 45.09 -9.85 2.45
C THR B 173 44.17 -8.91 1.70
N ALA B 174 43.96 -9.14 0.41
CA ALA B 174 43.05 -8.31 -0.37
C ALA B 174 41.62 -8.43 0.13
N TYR B 175 41.20 -9.65 0.46
CA TYR B 175 39.85 -9.84 0.99
C TYR B 175 39.68 -9.14 2.33
N PHE B 176 40.66 -9.28 3.21
CA PHE B 176 40.64 -8.60 4.51
C PHE B 176 40.56 -7.10 4.34
N LEU B 177 41.36 -6.55 3.43
CA LEU B 177 41.39 -5.10 3.26
C LEU B 177 40.11 -4.57 2.62
N LEU B 178 39.54 -5.32 1.67
CA LEU B 178 38.26 -4.90 1.10
C LEU B 178 37.17 -4.91 2.16
N LYS B 179 37.15 -5.93 3.02
CA LYS B 179 36.20 -5.95 4.12
C LYS B 179 36.39 -4.74 5.03
N LEU B 180 37.64 -4.45 5.42
CA LEU B 180 37.88 -3.33 6.32
C LEU B 180 37.46 -2.01 5.69
N ALA B 181 37.76 -1.83 4.40
CA ALA B 181 37.34 -0.61 3.71
C ALA B 181 35.82 -0.50 3.65
N GLY B 182 35.13 -1.63 3.53
CA GLY B 182 33.68 -1.60 3.54
C GLY B 182 33.08 -1.37 4.91
N ARG B 183 33.84 -1.61 5.98
CA ARG B 183 33.32 -1.44 7.33
C ARG B 183 33.66 -0.09 7.95
N TRP B 184 34.76 0.52 7.55
CA TRP B 184 35.26 1.76 8.12
C TRP B 184 35.79 2.62 6.99
N PRO B 185 35.87 3.93 7.19
CA PRO B 185 36.55 4.77 6.20
C PRO B 185 38.06 4.61 6.25
N VAL B 186 38.60 3.86 5.30
CA VAL B 186 40.03 3.59 5.25
C VAL B 186 40.63 4.34 4.08
N LYS B 187 41.62 5.18 4.35
CA LYS B 187 42.25 6.01 3.33
C LYS B 187 43.69 5.62 3.07
N THR B 188 44.50 5.42 4.10
CA THR B 188 45.89 5.03 3.96
C THR B 188 46.14 3.78 4.79
N VAL B 189 46.99 2.90 4.27
CA VAL B 189 47.35 1.65 4.94
C VAL B 189 48.86 1.55 4.97
N HIS B 190 49.41 1.25 6.15
CA HIS B 190 50.84 1.09 6.34
C HIS B 190 51.17 -0.40 6.47
N THR B 191 52.10 -0.87 5.65
CA THR B 191 52.53 -2.27 5.66
C THR B 191 54.05 -2.32 5.80
N ASP B 192 54.59 -3.55 5.75
CA ASP B 192 56.00 -3.79 6.02
C ASP B 192 56.71 -4.45 4.85
N ASN B 193 56.31 -4.14 3.62
CA ASN B 193 56.96 -4.63 2.41
C ASN B 193 56.97 -6.16 2.34
N GLY B 194 56.01 -6.80 2.99
CA GLY B 194 55.90 -8.25 2.92
C GLY B 194 55.45 -8.73 1.56
N SER B 195 55.59 -10.04 1.34
CA SER B 195 55.26 -10.61 0.05
C SER B 195 53.78 -10.46 -0.26
N ASN B 196 52.92 -10.64 0.75
CA ASN B 196 51.49 -10.51 0.52
C ASN B 196 51.08 -9.06 0.27
N PHE B 197 51.58 -8.14 1.10
CA PHE B 197 51.13 -6.76 1.02
C PHE B 197 51.55 -6.08 -0.29
N THR B 198 52.64 -6.55 -0.89
CA THR B 198 53.11 -5.96 -2.14
C THR B 198 52.59 -6.69 -3.37
N SER B 199 51.58 -7.54 -3.22
CA SER B 199 51.08 -8.32 -4.35
C SER B 199 50.17 -7.47 -5.22
N THR B 200 49.98 -7.93 -6.46
CA THR B 200 49.12 -7.21 -7.39
C THR B 200 47.66 -7.26 -6.96
N THR B 201 47.24 -8.33 -6.30
CA THR B 201 45.85 -8.43 -5.83
C THR B 201 45.55 -7.38 -4.76
N VAL B 202 46.47 -7.17 -3.82
CA VAL B 202 46.28 -6.15 -2.80
C VAL B 202 46.29 -4.77 -3.41
N LYS B 203 47.18 -4.54 -4.39
CA LYS B 203 47.22 -3.24 -5.05
C LYS B 203 45.92 -2.97 -5.78
N ALA B 204 45.38 -3.97 -6.47
CA ALA B 204 44.11 -3.81 -7.18
C ALA B 204 42.97 -3.55 -6.20
N ALA B 205 42.96 -4.23 -5.06
CA ALA B 205 41.94 -3.97 -4.06
C ALA B 205 42.03 -2.56 -3.52
N CYS B 206 43.24 -2.08 -3.25
CA CYS B 206 43.41 -0.70 -2.78
C CYS B 206 42.94 0.29 -3.83
N TRP B 207 43.25 0.01 -5.10
CA TRP B 207 42.82 0.90 -6.16
C TRP B 207 41.30 0.96 -6.25
N TRP B 208 40.64 -0.18 -6.12
CA TRP B 208 39.17 -0.18 -6.16
C TRP B 208 38.58 0.56 -4.95
N ALA B 209 39.14 0.33 -3.76
CA ALA B 209 38.61 0.93 -2.55
C ALA B 209 39.14 2.33 -2.29
N GLY B 210 39.99 2.86 -3.16
CA GLY B 210 40.53 4.19 -2.97
C GLY B 210 41.42 4.32 -1.75
N ILE B 211 42.26 3.32 -1.50
CA ILE B 211 43.16 3.29 -0.35
C ILE B 211 44.57 3.55 -0.85
N LYS B 212 45.29 4.42 -0.14
CA LYS B 212 46.69 4.68 -0.44
C LYS B 212 47.57 3.71 0.34
N GLN B 213 48.62 3.23 -0.32
CA GLN B 213 49.53 2.25 0.27
C GLN B 213 50.87 2.91 0.60
N LYS B 214 51.32 2.75 1.83
CA LYS B 214 52.61 3.26 2.27
C LYS B 214 53.40 2.13 2.91
N PHE B 215 54.71 2.10 2.65
CA PHE B 215 55.56 1.02 3.14
C PHE B 215 56.66 1.55 4.05
N GLY B 225 55.54 1.31 14.84
CA GLY B 225 55.85 0.78 16.16
C GLY B 225 54.62 0.42 16.96
N VAL B 226 53.48 1.01 16.58
CA VAL B 226 52.23 0.72 17.27
C VAL B 226 51.82 -0.74 17.06
N ILE B 227 52.11 -1.30 15.90
CA ILE B 227 51.67 -2.65 15.58
C ILE B 227 52.35 -3.67 16.50
N GLU B 228 53.60 -3.45 16.88
CA GLU B 228 54.29 -4.41 17.75
C GLU B 228 53.65 -4.46 19.13
N SER B 229 53.41 -3.29 19.73
CA SER B 229 52.75 -3.24 21.02
C SER B 229 51.34 -3.79 20.95
N MET B 230 50.62 -3.47 19.87
CA MET B 230 49.26 -3.97 19.71
C MET B 230 49.25 -5.49 19.56
N ASN B 231 50.21 -6.04 18.83
CA ASN B 231 50.31 -7.48 18.69
C ASN B 231 50.63 -8.14 20.03
N LYS B 232 51.48 -7.51 20.82
CA LYS B 232 51.79 -8.04 22.15
C LYS B 232 50.54 -8.05 23.04
N GLU B 233 49.78 -6.96 23.03
CA GLU B 233 48.56 -6.91 23.84
C GLU B 233 47.53 -7.93 23.35
N LEU B 234 47.39 -8.06 22.03
CA LEU B 234 46.45 -9.03 21.49
C LEU B 234 46.85 -10.45 21.86
N LYS B 235 48.14 -10.77 21.79
CA LYS B 235 48.61 -12.09 22.17
C LYS B 235 48.38 -12.34 23.66
N LYS B 236 48.58 -11.33 24.49
CA LYS B 236 48.31 -11.48 25.92
C LYS B 236 46.84 -11.78 26.17
N ILE B 237 45.95 -11.04 25.50
CA ILE B 237 44.52 -11.27 25.70
C ILE B 237 44.12 -12.65 25.20
N ILE B 238 44.68 -13.07 24.06
CA ILE B 238 44.40 -14.40 23.53
C ILE B 238 44.85 -15.47 24.51
N GLY B 239 46.03 -15.29 25.12
CA GLY B 239 46.47 -16.22 26.13
C GLY B 239 45.53 -16.26 27.32
N GLN B 240 44.96 -15.11 27.67
CA GLN B 240 44.03 -15.06 28.79
C GLN B 240 42.71 -15.77 28.49
N VAL B 241 42.23 -15.68 27.26
CA VAL B 241 40.91 -16.22 26.94
C VAL B 241 40.99 -17.44 26.02
N ARG B 242 42.15 -18.09 25.96
CA ARG B 242 42.27 -19.29 25.14
C ARG B 242 41.43 -20.44 25.66
N ASP B 243 41.38 -20.62 26.98
CA ASP B 243 40.69 -21.77 27.55
C ASP B 243 39.18 -21.73 27.32
N GLN B 244 38.64 -20.59 26.91
CA GLN B 244 37.20 -20.44 26.72
C GLN B 244 36.75 -20.80 25.30
N ALA B 245 37.68 -21.14 24.41
CA ALA B 245 37.33 -21.45 23.04
C ALA B 245 38.19 -22.61 22.55
N GLU B 246 37.57 -23.50 21.78
CA GLU B 246 38.31 -24.66 21.25
C GLU B 246 39.24 -24.26 20.12
N HIS B 247 38.76 -23.42 19.21
CA HIS B 247 39.53 -23.02 18.04
C HIS B 247 40.20 -21.66 18.26
N LEU B 248 41.22 -21.40 17.45
CA LEU B 248 41.97 -20.16 17.59
C LEU B 248 41.22 -18.95 17.04
N LYS B 249 40.44 -19.14 15.98
CA LYS B 249 39.72 -18.01 15.39
C LYS B 249 38.73 -17.41 16.38
N THR B 250 38.02 -18.26 17.12
CA THR B 250 37.07 -17.78 18.11
C THR B 250 37.78 -17.04 19.24
N ALA B 251 38.91 -17.57 19.69
CA ALA B 251 39.70 -16.88 20.71
C ALA B 251 40.18 -15.53 20.21
N VAL B 252 40.60 -15.47 18.95
CA VAL B 252 41.04 -14.20 18.37
C VAL B 252 39.91 -13.19 18.38
N GLN B 253 38.70 -13.61 17.98
CA GLN B 253 37.58 -12.69 17.96
C GLN B 253 37.18 -12.26 19.37
N MET B 254 37.25 -13.17 20.34
CA MET B 254 36.99 -12.82 21.72
C MET B 254 38.00 -11.79 22.23
N ALA B 255 39.26 -11.97 21.86
CA ALA B 255 40.29 -11.00 22.24
C ALA B 255 40.03 -9.64 21.60
N VAL B 256 39.61 -9.63 20.34
CA VAL B 256 39.28 -8.38 19.66
C VAL B 256 38.13 -7.68 20.38
N PHE B 257 37.11 -8.44 20.76
CA PHE B 257 35.99 -7.91 21.53
C PHE B 257 36.47 -7.26 22.82
N ILE B 258 37.31 -7.98 23.56
CA ILE B 258 37.78 -7.49 24.85
C ILE B 258 38.62 -6.23 24.67
N HIS B 259 39.51 -6.23 23.69
CA HIS B 259 40.36 -5.07 23.46
C HIS B 259 39.55 -3.85 23.03
N ASN B 260 38.57 -4.05 22.15
CA ASN B 260 37.85 -2.92 21.59
C ASN B 260 36.79 -2.36 22.53
N PHE B 261 36.25 -3.17 23.44
CA PHE B 261 35.14 -2.71 24.26
C PHE B 261 35.29 -2.97 25.76
N LYS B 262 36.11 -3.93 26.18
CA LYS B 262 36.22 -4.27 27.59
C LYS B 262 37.51 -3.79 28.24
N ARG B 263 38.38 -3.14 27.48
CA ARG B 263 39.61 -2.56 28.02
C ARG B 263 39.47 -1.04 27.96
N LYS B 264 39.57 -0.40 29.11
CA LYS B 264 39.36 1.04 29.22
C LYS B 264 40.59 1.71 29.78
N GLY B 265 41.01 2.79 29.14
CA GLY B 265 42.17 3.53 29.60
C GLY B 265 42.33 4.80 28.80
N GLY B 266 43.42 5.52 29.10
CA GLY B 266 43.73 6.75 28.41
C GLY B 266 43.35 7.98 29.20
N ILE B 267 43.24 9.09 28.48
CA ILE B 267 42.99 10.38 29.11
C ILE B 267 41.62 10.38 29.80
N GLY B 268 40.59 9.95 29.09
CA GLY B 268 39.24 9.97 29.60
C GLY B 268 38.72 8.64 30.12
N GLY B 269 39.55 7.61 30.14
CA GLY B 269 39.07 6.29 30.55
C GLY B 269 38.06 5.69 29.61
N TYR B 270 38.21 5.92 28.31
CA TYR B 270 37.32 5.38 27.30
C TYR B 270 37.86 4.03 26.81
N SER B 271 37.13 3.41 25.89
CA SER B 271 37.59 2.21 25.20
C SER B 271 37.93 2.57 23.76
N ALA B 272 38.53 1.59 23.07
CA ALA B 272 38.98 1.83 21.70
C ALA B 272 37.81 2.08 20.75
N GLY B 273 36.70 1.38 20.95
CA GLY B 273 35.53 1.61 20.12
C GLY B 273 34.94 2.99 20.29
N GLU B 274 34.84 3.44 21.54
CA GLU B 274 34.38 4.81 21.80
C GLU B 274 35.30 5.82 21.14
N ARG B 275 36.62 5.62 21.28
CA ARG B 275 37.57 6.56 20.69
C ARG B 275 37.45 6.59 19.18
N ILE B 276 37.30 5.43 18.53
CA ILE B 276 37.23 5.44 17.08
C ILE B 276 35.94 6.08 16.60
N VAL B 277 34.83 5.86 17.30
CA VAL B 277 33.59 6.53 16.90
C VAL B 277 33.71 8.04 17.07
N ASP B 278 34.32 8.48 18.17
CA ASP B 278 34.53 9.92 18.35
C ASP B 278 35.42 10.51 17.25
N ILE B 279 36.51 9.82 16.92
CA ILE B 279 37.44 10.32 15.92
C ILE B 279 36.79 10.37 14.54
N ILE B 280 36.03 9.34 14.19
CA ILE B 280 35.35 9.34 12.89
C ILE B 280 34.26 10.41 12.85
N ALA B 281 33.57 10.65 13.98
CA ALA B 281 32.59 11.73 14.01
C ALA B 281 33.25 13.09 13.80
N THR B 282 34.41 13.29 14.42
CA THR B 282 35.15 14.53 14.19
C THR B 282 35.61 14.64 12.74
N ASP B 283 36.02 13.52 12.15
CA ASP B 283 36.41 13.52 10.74
C ASP B 283 35.23 13.87 9.84
N ILE B 284 34.04 13.39 10.18
CA ILE B 284 32.84 13.73 9.42
C ILE B 284 32.55 15.22 9.52
N GLN B 285 32.67 15.77 10.73
CA GLN B 285 32.49 17.21 10.90
C GLN B 285 33.50 18.00 10.08
N THR B 286 34.76 17.58 10.11
CA THR B 286 35.80 18.28 9.35
C THR B 286 35.52 18.23 7.85
N LYS B 287 35.09 17.06 7.36
CA LYS B 287 34.78 16.94 5.94
C LYS B 287 33.59 17.81 5.57
N GLU B 288 32.57 17.87 6.42
CA GLU B 288 31.42 18.72 6.13
C GLU B 288 31.80 20.19 6.11
N LEU B 289 32.62 20.63 7.07
CA LEU B 289 33.08 22.01 7.07
C LEU B 289 33.87 22.33 5.82
N GLN B 290 34.77 21.42 5.42
CA GLN B 290 35.54 21.64 4.20
C GLN B 290 34.64 21.69 2.97
N LYS B 291 33.60 20.85 2.95
CA LYS B 291 32.64 20.87 1.85
C LYS B 291 31.98 22.23 1.75
N GLN B 292 31.54 22.78 2.88
CA GLN B 292 30.85 24.06 2.89
C GLN B 292 31.79 25.19 2.48
N ILE B 293 33.04 25.15 2.95
CA ILE B 293 34.02 26.15 2.52
C ILE B 293 34.23 26.07 1.02
N THR B 294 34.26 24.85 0.47
CA THR B 294 34.40 24.69 -0.97
C THR B 294 33.21 25.27 -1.72
N LYS B 295 32.00 25.08 -1.19
CA LYS B 295 30.83 25.68 -1.84
C LYS B 295 30.89 27.20 -1.82
N ILE B 296 31.30 27.79 -0.68
CA ILE B 296 31.20 29.24 -0.54
C ILE B 296 32.45 29.99 -0.96
N GLN B 297 33.53 29.30 -1.33
CA GLN B 297 34.72 30.02 -1.77
C GLN B 297 34.60 30.55 -3.20
N ASN B 298 33.63 30.08 -3.97
CA ASN B 298 33.47 30.51 -5.36
C ASN B 298 32.55 31.71 -5.50
N PHE B 299 32.13 32.30 -4.39
CA PHE B 299 31.21 33.43 -4.42
C PHE B 299 31.94 34.73 -4.12
N ARG B 300 31.39 35.82 -4.64
CA ARG B 300 31.90 37.17 -4.41
C ARG B 300 30.75 38.07 -4.00
N VAL B 301 30.97 38.88 -2.96
CA VAL B 301 29.93 39.72 -2.39
C VAL B 301 30.34 41.17 -2.55
N TYR B 302 29.43 42.00 -3.06
CA TYR B 302 29.59 43.44 -3.11
C TYR B 302 28.59 44.06 -2.14
N TYR B 303 29.11 44.78 -1.14
CA TYR B 303 28.30 45.29 -0.05
C TYR B 303 28.41 46.80 0.05
N ARG B 304 27.34 47.41 0.56
CA ARG B 304 27.22 48.87 0.71
C ARG B 304 27.52 49.59 -0.61
N TRP B 311 28.86 50.73 -4.61
CA TRP B 311 29.19 49.50 -3.89
C TRP B 311 30.70 49.38 -3.67
N LYS B 312 31.09 48.69 -2.61
CA LYS B 312 32.50 48.56 -2.26
C LYS B 312 33.16 47.47 -3.09
N GLY B 313 34.41 47.16 -2.74
CA GLY B 313 35.19 46.19 -3.46
C GLY B 313 34.68 44.78 -3.27
N PRO B 314 35.05 43.87 -4.17
CA PRO B 314 34.60 42.49 -4.06
C PRO B 314 35.11 41.84 -2.77
N ALA B 315 34.25 41.04 -2.15
CA ALA B 315 34.56 40.39 -0.89
C ALA B 315 34.18 38.92 -0.97
N LYS B 316 34.87 38.10 -0.19
CA LYS B 316 34.53 36.68 -0.12
C LYS B 316 33.34 36.48 0.80
N LEU B 317 32.61 35.39 0.58
CA LEU B 317 31.42 35.07 1.34
C LEU B 317 31.77 34.09 2.45
N LEU B 318 31.25 34.35 3.65
CA LEU B 318 31.44 33.46 4.79
C LEU B 318 30.13 32.81 5.23
N TRP B 319 29.10 33.60 5.49
CA TRP B 319 27.83 33.06 5.98
C TRP B 319 26.67 33.79 5.35
N LYS B 320 25.62 33.04 5.02
CA LYS B 320 24.36 33.58 4.52
C LYS B 320 23.25 32.84 5.26
N GLY B 321 22.87 33.34 6.43
CA GLY B 321 21.97 32.66 7.33
C GLY B 321 20.64 33.37 7.50
N GLU B 322 20.03 33.17 8.67
CA GLU B 322 18.75 33.80 8.98
C GLU B 322 18.86 35.27 9.29
N GLY B 323 19.87 35.70 10.05
CA GLY B 323 19.98 37.09 10.44
C GLY B 323 20.42 38.02 9.32
N ALA B 324 21.66 37.86 8.87
CA ALA B 324 22.24 38.75 7.86
C ALA B 324 23.29 37.95 7.09
N VAL B 325 24.16 38.66 6.38
CA VAL B 325 25.21 38.08 5.56
C VAL B 325 26.55 38.50 6.12
N VAL B 326 27.37 37.52 6.47
CA VAL B 326 28.71 37.76 7.02
C VAL B 326 29.73 37.53 5.91
N ILE B 327 30.54 38.55 5.65
CA ILE B 327 31.56 38.51 4.61
C ILE B 327 32.90 38.94 5.21
N GLN B 328 33.95 38.81 4.41
CA GLN B 328 35.28 39.29 4.77
C GLN B 328 35.80 40.19 3.66
N ASP B 329 36.27 41.37 4.03
CA ASP B 329 36.83 42.32 3.06
C ASP B 329 38.08 42.94 3.64
N ASN B 330 39.19 42.85 2.91
CA ASN B 330 40.47 43.42 3.33
C ASN B 330 40.87 42.94 4.73
N SER B 331 40.84 41.63 4.92
CA SER B 331 41.19 41.00 6.19
C SER B 331 40.42 41.60 7.37
N ASP B 332 39.12 41.84 7.16
CA ASP B 332 38.25 42.39 8.19
C ASP B 332 36.84 41.90 7.93
N ILE B 333 36.29 41.17 8.88
CA ILE B 333 34.99 40.50 8.71
C ILE B 333 33.88 41.47 9.07
N LYS B 334 32.92 41.61 8.18
CA LYS B 334 31.81 42.53 8.33
C LYS B 334 30.49 41.78 8.17
N VAL B 335 29.41 42.41 8.65
CA VAL B 335 28.07 41.86 8.59
C VAL B 335 27.15 42.90 7.94
N VAL B 336 26.43 42.49 6.92
CA VAL B 336 25.52 43.39 6.20
C VAL B 336 24.22 42.68 5.91
N PRO B 337 23.11 43.43 5.88
CA PRO B 337 21.83 42.83 5.49
C PRO B 337 21.81 42.45 4.02
N ARG B 338 20.78 41.69 3.65
CA ARG B 338 20.70 41.15 2.29
C ARG B 338 20.59 42.26 1.25
N ARG B 339 19.65 43.17 1.44
CA ARG B 339 19.41 44.22 0.46
C ARG B 339 20.59 45.18 0.31
N LYS B 340 21.51 45.19 1.27
CA LYS B 340 22.73 45.98 1.18
C LYS B 340 23.89 45.19 0.63
N ALA B 341 23.64 44.00 0.08
CA ALA B 341 24.70 43.16 -0.45
C ALA B 341 24.22 42.45 -1.71
N LYS B 342 25.17 42.07 -2.55
CA LYS B 342 24.88 41.32 -3.76
C LYS B 342 25.90 40.19 -3.88
N ILE B 343 25.41 38.95 -3.93
CA ILE B 343 26.25 37.77 -3.98
C ILE B 343 26.18 37.19 -5.38
N ILE B 344 27.33 37.05 -6.03
CA ILE B 344 27.43 36.53 -7.39
C ILE B 344 28.48 35.43 -7.41
N ARG B 345 28.56 34.73 -8.54
CA ARG B 345 29.49 33.62 -8.71
C ARG B 345 30.52 33.97 -9.77
N ASP B 346 31.80 33.72 -9.45
CA ASP B 346 32.89 33.97 -10.38
C ASP B 346 33.76 32.72 -10.53
N GLU C 288 27.74 26.32 33.72
CA GLU C 288 27.55 24.98 34.25
C GLU C 288 26.38 24.25 33.59
N LEU C 289 25.23 24.28 34.28
CA LEU C 289 24.09 23.49 33.85
C LEU C 289 23.52 23.98 32.53
N GLN C 290 23.46 25.30 32.33
CA GLN C 290 22.81 25.85 31.15
C GLN C 290 23.54 25.45 29.86
N LYS C 291 24.87 25.43 29.90
CA LYS C 291 25.63 25.02 28.72
C LYS C 291 25.32 23.58 28.34
N GLN C 292 25.28 22.69 29.34
CA GLN C 292 24.93 21.29 29.08
C GLN C 292 23.51 21.17 28.55
N ILE C 293 22.59 21.97 29.09
CA ILE C 293 21.20 21.92 28.66
C ILE C 293 21.10 22.31 27.19
N THR C 294 21.75 23.41 26.81
CA THR C 294 21.74 23.84 25.41
C THR C 294 22.40 22.79 24.51
N LYS C 295 23.49 22.18 24.99
CA LYS C 295 24.15 21.15 24.22
C LYS C 295 23.21 19.97 23.96
N ILE C 296 22.43 19.58 24.97
CA ILE C 296 21.47 18.50 24.77
C ILE C 296 20.37 18.91 23.80
N GLN C 297 19.86 20.14 23.93
CA GLN C 297 18.87 20.59 22.96
C GLN C 297 19.44 20.72 21.55
N ASN C 298 20.75 20.71 21.38
CA ASN C 298 21.32 20.77 20.04
C ASN C 298 21.12 19.48 19.24
N PHE C 299 20.65 18.41 19.87
CA PHE C 299 20.48 17.13 19.19
C PHE C 299 19.10 17.02 18.56
N ARG C 300 19.04 16.43 17.37
CA ARG C 300 17.81 16.26 16.61
C ARG C 300 17.27 14.85 16.78
N VAL C 301 15.95 14.72 16.84
CA VAL C 301 15.27 13.46 17.08
C VAL C 301 14.28 13.20 15.96
N TYR C 302 14.35 12.02 15.36
CA TYR C 302 13.36 11.54 14.40
C TYR C 302 12.58 10.42 15.06
N TYR C 303 11.25 10.56 15.11
CA TYR C 303 10.43 9.64 15.88
C TYR C 303 9.20 9.24 15.09
N ARG C 304 8.52 8.22 15.60
CA ARG C 304 7.27 7.73 15.04
C ARG C 304 6.25 7.54 16.16
N ASP C 305 4.98 7.53 15.78
CA ASP C 305 3.91 7.26 16.72
C ASP C 305 3.45 5.81 16.59
N SER C 306 2.52 5.42 17.44
CA SER C 306 2.16 4.01 17.55
C SER C 306 1.58 3.46 16.24
N ARG C 307 0.72 4.23 15.58
CA ARG C 307 0.02 3.74 14.40
C ARG C 307 0.43 4.44 13.12
N ASP C 308 1.41 5.35 13.18
CA ASP C 308 1.84 6.08 12.01
C ASP C 308 3.15 5.49 11.50
N PRO C 309 3.22 5.04 10.25
CA PRO C 309 4.47 4.48 9.71
C PRO C 309 5.44 5.51 9.17
N VAL C 310 5.11 6.80 9.26
CA VAL C 310 5.96 7.86 8.73
C VAL C 310 6.77 8.46 9.87
N TRP C 311 8.08 8.59 9.66
CA TRP C 311 8.95 9.16 10.68
C TRP C 311 8.74 10.67 10.75
N LYS C 312 8.46 11.16 11.96
CA LYS C 312 8.24 12.59 12.13
C LYS C 312 9.57 13.33 12.12
N GLY C 313 9.51 14.60 11.70
CA GLY C 313 10.69 15.39 11.41
C GLY C 313 11.59 15.61 12.61
N PRO C 314 12.67 16.35 12.40
CA PRO C 314 13.71 16.46 13.43
C PRO C 314 13.31 17.33 14.61
N ALA C 315 12.62 16.74 15.57
CA ALA C 315 12.28 17.46 16.79
C ALA C 315 13.53 17.72 17.62
N LYS C 316 13.40 18.64 18.56
CA LYS C 316 14.51 19.03 19.43
C LYS C 316 14.49 18.19 20.69
N LEU C 317 15.63 17.60 21.02
CA LEU C 317 15.74 16.75 22.20
C LEU C 317 15.78 17.59 23.47
N LEU C 318 14.98 17.22 24.45
CA LEU C 318 15.00 17.88 25.75
C LEU C 318 15.50 16.98 26.87
N TRP C 319 15.12 15.70 26.86
CA TRP C 319 15.54 14.78 27.91
C TRP C 319 15.71 13.40 27.31
N LYS C 320 16.73 12.67 27.77
CA LYS C 320 16.97 11.31 27.33
C LYS C 320 16.99 10.39 28.54
N GLY C 321 16.11 9.39 28.52
CA GLY C 321 16.02 8.41 29.58
C GLY C 321 16.37 7.02 29.10
N GLU C 322 16.24 6.06 30.02
CA GLU C 322 16.56 4.68 29.68
C GLU C 322 15.63 4.15 28.60
N GLY C 323 14.33 4.41 28.73
CA GLY C 323 13.37 3.86 27.79
C GLY C 323 12.51 4.90 27.11
N ALA C 324 12.58 6.15 27.56
CA ALA C 324 11.75 7.21 27.01
C ALA C 324 12.61 8.43 26.73
N VAL C 325 12.17 9.21 25.76
CA VAL C 325 12.85 10.43 25.34
C VAL C 325 11.82 11.55 25.29
N VAL C 326 12.16 12.69 25.86
CA VAL C 326 11.27 13.86 25.89
C VAL C 326 11.78 14.83 24.84
N ILE C 327 10.92 15.16 23.88
CA ILE C 327 11.27 15.98 22.73
C ILE C 327 10.28 17.14 22.61
N GLN C 328 10.64 18.11 21.78
CA GLN C 328 9.77 19.25 21.48
C GLN C 328 9.72 19.43 19.98
N ASP C 329 8.52 19.31 19.41
CA ASP C 329 8.31 19.34 17.97
C ASP C 329 7.33 20.45 17.63
N ASN C 330 7.86 21.61 17.22
CA ASN C 330 7.05 22.76 16.82
C ASN C 330 6.13 23.21 17.96
N SER C 331 6.75 23.60 19.07
CA SER C 331 6.04 24.06 20.26
C SER C 331 5.05 23.00 20.77
N ASP C 332 5.46 21.73 20.67
CA ASP C 332 4.65 20.61 21.15
C ASP C 332 5.58 19.62 21.83
N ILE C 333 5.43 19.46 23.14
CA ILE C 333 6.27 18.56 23.92
C ILE C 333 5.67 17.16 23.88
N LYS C 334 6.47 16.19 23.46
CA LYS C 334 6.04 14.81 23.35
C LYS C 334 7.00 13.91 24.11
N VAL C 335 6.48 12.76 24.53
CA VAL C 335 7.28 11.71 25.15
C VAL C 335 7.21 10.49 24.25
N VAL C 336 8.37 10.01 23.80
CA VAL C 336 8.45 8.95 22.81
C VAL C 336 9.19 7.77 23.41
N PRO C 337 8.75 6.53 23.16
CA PRO C 337 9.56 5.39 23.58
C PRO C 337 10.90 5.37 22.87
N ARG C 338 11.92 4.84 23.56
CA ARG C 338 13.25 4.76 22.97
C ARG C 338 13.26 3.92 21.70
N ARG C 339 12.40 2.91 21.62
CA ARG C 339 12.34 2.04 20.46
C ARG C 339 11.82 2.75 19.21
N LYS C 340 11.27 3.95 19.34
CA LYS C 340 10.73 4.69 18.22
C LYS C 340 11.47 6.00 17.96
N ALA C 341 12.69 6.15 18.46
CA ALA C 341 13.42 7.40 18.36
C ALA C 341 14.83 7.16 17.82
N LYS C 342 15.20 7.92 16.80
CA LYS C 342 16.56 7.98 16.28
C LYS C 342 17.11 9.36 16.61
N ILE C 343 18.09 9.43 17.50
CA ILE C 343 18.68 10.68 17.94
C ILE C 343 20.03 10.85 17.27
N ILE C 344 20.15 11.86 16.42
CA ILE C 344 21.38 12.23 15.76
C ILE C 344 21.85 13.65 16.14
N ARG C 345 22.69 14.28 15.34
CA ARG C 345 23.20 15.64 15.57
C ARG C 345 23.18 16.30 14.27
N ASP C 346 23.31 15.58 13.21
CA ASP C 346 23.30 16.12 11.88
C ASP C 346 24.48 17.01 11.74
N TYR C 347 25.56 16.43 11.31
CA TYR C 347 26.78 17.14 11.25
C TYR C 347 26.85 18.08 10.07
N GLY C 348 26.08 17.87 9.05
CA GLY C 348 26.03 18.75 7.92
C GLY C 348 25.47 20.04 8.33
N LYS C 349 24.49 19.99 9.17
CA LYS C 349 23.89 21.13 9.70
C LYS C 349 24.62 21.81 10.90
N GLN C 350 25.38 21.13 11.73
CA GLN C 350 26.04 21.74 12.83
C GLN C 350 27.05 22.54 12.29
N MET C 351 27.54 22.20 11.13
CA MET C 351 28.64 22.88 10.61
C MET C 351 28.15 23.89 9.63
N ALA C 352 26.86 24.07 9.51
CA ALA C 352 26.33 25.17 8.70
C ALA C 352 25.60 26.22 9.55
N GLY C 353 25.64 26.12 10.84
CA GLY C 353 24.90 27.02 11.70
C GLY C 353 23.73 26.60 12.58
N ASN D 298 -13.75 -10.26 28.78
CA ASN D 298 -13.11 -11.33 28.03
C ASN D 298 -13.30 -11.12 26.52
N PHE D 299 -12.39 -11.68 25.73
CA PHE D 299 -12.38 -11.48 24.29
C PHE D 299 -12.29 -12.82 23.58
N ARG D 300 -12.81 -12.85 22.35
CA ARG D 300 -12.62 -13.98 21.44
C ARG D 300 -11.65 -13.56 20.36
N VAL D 301 -10.59 -14.35 20.16
CA VAL D 301 -9.58 -14.04 19.16
C VAL D 301 -9.62 -15.12 18.09
N TYR D 302 -9.66 -14.70 16.84
CA TYR D 302 -9.60 -15.59 15.69
C TYR D 302 -8.34 -15.24 14.91
N TYR D 303 -7.49 -16.23 14.66
CA TYR D 303 -6.12 -15.95 14.25
C TYR D 303 -5.71 -16.80 13.06
N ARG D 304 -4.42 -16.70 12.73
CA ARG D 304 -3.80 -17.43 11.62
C ARG D 304 -2.32 -17.54 11.98
N ASP D 305 -1.86 -18.74 12.32
CA ASP D 305 -0.56 -18.84 12.98
C ASP D 305 0.61 -19.13 12.04
N SER D 306 0.60 -20.27 11.36
CA SER D 306 1.83 -20.77 10.72
C SER D 306 1.53 -21.34 9.34
N ARG D 307 1.61 -20.47 8.32
CA ARG D 307 1.54 -20.88 6.92
C ARG D 307 0.26 -21.65 6.59
N ASP D 308 -0.66 -21.72 7.55
CA ASP D 308 -1.94 -22.37 7.34
C ASP D 308 -2.93 -21.31 6.88
N PRO D 309 -3.45 -21.38 5.65
CA PRO D 309 -4.42 -20.38 5.21
C PRO D 309 -5.70 -20.39 6.00
N VAL D 310 -5.99 -21.47 6.72
CA VAL D 310 -7.22 -21.54 7.50
C VAL D 310 -7.13 -20.60 8.71
N TRP D 311 -8.30 -20.23 9.21
CA TRP D 311 -8.44 -19.41 10.39
C TRP D 311 -8.97 -20.25 11.54
N LYS D 312 -8.39 -20.07 12.71
CA LYS D 312 -8.75 -20.82 13.89
C LYS D 312 -9.35 -19.87 14.94
N GLY D 313 -9.71 -20.44 16.08
CA GLY D 313 -10.33 -19.67 17.13
C GLY D 313 -11.68 -20.24 17.51
N PRO D 314 -12.32 -19.65 18.53
CA PRO D 314 -11.87 -18.52 19.35
C PRO D 314 -10.84 -18.94 20.40
N ALA D 315 -9.98 -18.02 20.82
CA ALA D 315 -8.97 -18.26 21.83
C ALA D 315 -8.99 -17.14 22.85
N LYS D 316 -8.54 -17.45 24.06
CA LYS D 316 -8.48 -16.45 25.12
C LYS D 316 -7.32 -15.49 24.86
N LEU D 317 -7.61 -14.20 24.87
CA LEU D 317 -6.58 -13.18 24.69
C LEU D 317 -5.84 -12.99 26.00
N LEU D 318 -4.59 -13.44 26.04
CA LEU D 318 -3.77 -13.30 27.24
C LEU D 318 -3.10 -11.94 27.32
N TRP D 319 -2.63 -11.42 26.20
CA TRP D 319 -1.87 -10.18 26.18
C TRP D 319 -2.11 -9.49 24.85
N LYS D 320 -2.16 -8.16 24.86
CA LYS D 320 -2.28 -7.37 23.64
C LYS D 320 -1.18 -6.32 23.62
N GLY D 321 -0.44 -6.28 22.52
CA GLY D 321 0.55 -5.24 22.32
C GLY D 321 0.28 -4.47 21.05
N GLU D 322 1.26 -3.67 20.62
CA GLU D 322 1.16 -2.96 19.35
C GLU D 322 1.72 -3.86 18.27
N GLY D 323 0.84 -4.40 17.42
CA GLY D 323 1.26 -5.24 16.32
C GLY D 323 1.27 -6.72 16.60
N ALA D 324 1.09 -7.16 17.85
CA ALA D 324 1.07 -8.57 18.15
C ALA D 324 0.21 -8.83 19.38
N VAL D 325 -0.28 -10.07 19.49
CA VAL D 325 -1.11 -10.52 20.59
C VAL D 325 -0.60 -11.88 21.06
N VAL D 326 -0.87 -12.19 22.33
CA VAL D 326 -0.58 -13.48 22.93
C VAL D 326 -1.90 -14.09 23.35
N ILE D 327 -2.18 -15.29 22.83
CA ILE D 327 -3.47 -15.94 23.00
C ILE D 327 -3.26 -17.35 23.51
N GLN D 328 -4.32 -17.94 24.03
CA GLN D 328 -4.30 -19.32 24.52
C GLN D 328 -5.40 -20.10 23.82
N ASP D 329 -5.02 -21.10 23.04
CA ASP D 329 -5.96 -21.96 22.31
C ASP D 329 -5.71 -23.40 22.73
N ASN D 330 -6.56 -23.91 23.64
CA ASN D 330 -6.49 -25.29 24.12
C ASN D 330 -5.16 -25.58 24.80
N SER D 331 -4.88 -24.82 25.86
CA SER D 331 -3.68 -24.94 26.68
C SER D 331 -2.40 -24.72 25.88
N ASP D 332 -2.49 -24.15 24.68
CA ASP D 332 -1.34 -23.86 23.84
C ASP D 332 -1.26 -22.35 23.65
N ILE D 333 -0.23 -21.73 24.20
CA ILE D 333 -0.06 -20.29 24.10
C ILE D 333 0.66 -19.97 22.79
N LYS D 334 0.08 -19.05 22.01
CA LYS D 334 0.64 -18.63 20.74
C LYS D 334 0.81 -17.12 20.71
N VAL D 335 1.77 -16.68 19.92
CA VAL D 335 2.00 -15.26 19.66
C VAL D 335 1.70 -15.02 18.19
N VAL D 336 0.75 -14.14 17.91
CA VAL D 336 0.25 -13.92 16.55
C VAL D 336 0.38 -12.44 16.24
N PRO D 337 0.90 -12.05 15.09
CA PRO D 337 0.84 -10.64 14.69
C PRO D 337 -0.61 -10.18 14.58
N ARG D 338 -0.86 -8.93 14.98
CA ARG D 338 -2.20 -8.39 14.95
C ARG D 338 -2.73 -8.25 13.52
N ARG D 339 -1.87 -8.32 12.52
CA ARG D 339 -2.34 -8.39 11.13
C ARG D 339 -3.10 -9.68 10.86
N LYS D 340 -2.76 -10.75 11.58
CA LYS D 340 -3.35 -12.06 11.36
C LYS D 340 -4.31 -12.46 12.48
N ALA D 341 -4.89 -11.48 13.17
CA ALA D 341 -5.78 -11.76 14.29
C ALA D 341 -6.95 -10.78 14.27
N LYS D 342 -8.07 -11.23 14.80
CA LYS D 342 -9.24 -10.41 15.01
C LYS D 342 -9.72 -10.64 16.44
N ILE D 343 -9.94 -9.55 17.17
CA ILE D 343 -10.38 -9.60 18.55
C ILE D 343 -11.80 -9.08 18.64
N ILE D 344 -12.66 -9.82 19.32
CA ILE D 344 -14.06 -9.44 19.49
C ILE D 344 -14.37 -9.35 20.98
N PHE G 77 32.66 22.76 -12.80
CA PHE G 77 32.49 21.46 -12.16
C PHE G 77 33.27 20.38 -12.91
N LEU G 78 33.97 20.78 -13.97
CA LEU G 78 34.58 19.81 -14.88
C LEU G 78 35.42 18.79 -14.14
N ASP G 79 36.30 19.25 -13.25
CA ASP G 79 37.13 18.34 -12.48
C ASP G 79 36.27 17.47 -11.57
N GLY G 80 35.36 18.10 -10.83
CA GLY G 80 34.48 17.33 -9.94
C GLY G 80 33.58 16.38 -10.72
N ILE G 81 33.11 16.81 -11.89
CA ILE G 81 32.25 15.96 -12.71
C ILE G 81 33.02 14.73 -13.19
N ASP G 82 34.24 14.93 -13.69
CA ASP G 82 35.01 13.80 -14.18
C ASP G 82 35.38 12.85 -13.03
N LYS G 83 35.70 13.41 -11.86
CA LYS G 83 35.97 12.56 -10.71
C LYS G 83 34.73 11.76 -10.33
N ALA G 84 33.56 12.41 -10.35
CA ALA G 84 32.32 11.74 -9.98
C ALA G 84 31.97 10.64 -10.97
N GLN G 85 32.27 10.85 -12.25
CA GLN G 85 31.97 9.83 -13.25
C GLN G 85 32.80 8.57 -13.03
N GLU G 86 34.09 8.72 -12.74
CA GLU G 86 34.92 7.56 -12.42
C GLU G 86 34.48 6.90 -11.13
N GLU G 87 34.13 7.71 -10.12
CA GLU G 87 33.64 7.16 -8.86
C GLU G 87 32.37 6.36 -9.07
N HIS G 88 31.48 6.83 -9.96
CA HIS G 88 30.26 6.11 -10.24
C HIS G 88 30.53 4.85 -11.05
N GLU G 89 31.46 4.92 -12.01
CA GLU G 89 31.82 3.73 -12.76
C GLU G 89 32.34 2.64 -11.85
N LYS G 90 33.01 3.02 -10.76
CA LYS G 90 33.44 2.01 -9.79
C LYS G 90 32.30 1.57 -8.88
N TYR G 91 31.59 2.52 -8.26
CA TYR G 91 30.69 2.22 -7.16
C TYR G 91 29.21 2.37 -7.49
N HIS G 92 28.86 3.04 -8.59
CA HIS G 92 27.47 3.30 -8.95
C HIS G 92 26.75 4.05 -7.84
N SER G 93 27.40 5.07 -7.30
CA SER G 93 26.83 5.89 -6.23
C SER G 93 25.63 6.68 -6.74
N ASN G 94 24.68 6.92 -5.82
CA ASN G 94 23.49 7.67 -6.21
C ASN G 94 23.80 9.16 -6.28
N TRP G 95 22.85 9.92 -6.83
CA TRP G 95 23.11 11.33 -7.11
C TRP G 95 23.41 12.11 -5.83
N ARG G 96 22.76 11.75 -4.72
CA ARG G 96 23.00 12.42 -3.45
C ARG G 96 24.45 12.26 -3.02
N ALA G 97 25.00 11.05 -3.13
CA ALA G 97 26.36 10.80 -2.69
C ALA G 97 27.37 11.59 -3.51
N MET G 98 27.20 11.60 -4.83
CA MET G 98 28.15 12.31 -5.68
C MET G 98 28.02 13.83 -5.53
N ALA G 99 26.79 14.32 -5.33
CA ALA G 99 26.63 15.74 -5.03
C ALA G 99 27.33 16.11 -3.74
N SER G 100 27.22 15.26 -2.72
CA SER G 100 27.85 15.57 -1.44
C SER G 100 29.36 15.44 -1.51
N ASP G 101 29.88 14.49 -2.28
CA ASP G 101 31.29 14.17 -2.24
C ASP G 101 32.10 14.84 -3.35
N PHE G 102 31.46 15.49 -4.31
CA PHE G 102 32.20 16.20 -5.34
C PHE G 102 31.70 17.63 -5.54
N ASN G 103 30.86 18.13 -4.63
CA ASN G 103 30.30 19.47 -4.71
C ASN G 103 29.63 19.70 -6.07
N LEU G 104 28.61 18.91 -6.32
CA LEU G 104 27.90 18.96 -7.59
C LEU G 104 26.47 19.45 -7.38
N PRO G 105 25.91 20.18 -8.35
CA PRO G 105 24.50 20.49 -8.31
C PRO G 105 23.67 19.21 -8.44
N PRO G 106 22.50 19.16 -7.81
CA PRO G 106 21.68 17.94 -7.91
C PRO G 106 21.33 17.58 -9.35
N VAL G 107 21.17 18.57 -10.23
CA VAL G 107 20.86 18.28 -11.62
C VAL G 107 21.99 17.50 -12.28
N VAL G 108 23.24 17.90 -12.03
CA VAL G 108 24.38 17.25 -12.67
C VAL G 108 24.57 15.84 -12.14
N ALA G 109 24.44 15.65 -10.83
CA ALA G 109 24.55 14.31 -10.25
C ALA G 109 23.43 13.39 -10.75
N LYS G 110 22.21 13.93 -10.83
CA LYS G 110 21.10 13.15 -11.36
C LYS G 110 21.34 12.79 -12.82
N GLU G 111 21.96 13.69 -13.58
CA GLU G 111 22.31 13.38 -14.96
C GLU G 111 23.37 12.28 -15.03
N ILE G 112 24.34 12.31 -14.11
CA ILE G 112 25.36 11.28 -14.09
C ILE G 112 24.74 9.91 -13.82
N VAL G 113 23.83 9.84 -12.85
CA VAL G 113 23.17 8.57 -12.57
C VAL G 113 22.29 8.16 -13.75
N ALA G 114 21.55 9.10 -14.32
CA ALA G 114 20.58 8.80 -15.37
C ALA G 114 21.23 8.32 -16.65
N SER G 115 22.53 8.52 -16.81
CA SER G 115 23.23 8.10 -18.02
C SER G 115 23.90 6.75 -17.87
N CYS G 116 23.73 6.09 -16.73
CA CYS G 116 24.33 4.78 -16.47
C CYS G 116 23.23 3.72 -16.63
N ASP G 117 23.41 2.81 -17.59
CA ASP G 117 22.43 1.75 -17.79
C ASP G 117 22.36 0.80 -16.59
N LYS G 118 23.46 0.67 -15.85
CA LYS G 118 23.49 -0.28 -14.75
C LYS G 118 22.69 0.17 -13.54
N CYS G 119 22.16 1.40 -13.55
CA CYS G 119 21.41 1.92 -12.42
C CYS G 119 19.92 2.04 -12.70
N GLN G 120 19.47 1.72 -13.92
CA GLN G 120 18.06 1.80 -14.29
C GLN G 120 17.40 0.49 -13.91
N LEU G 121 16.97 0.38 -12.66
CA LEU G 121 16.45 -0.88 -12.12
C LEU G 121 15.13 -0.68 -11.38
N LYS G 122 14.37 0.35 -11.74
CA LYS G 122 13.14 0.63 -11.02
C LYS G 122 12.15 1.40 -11.90
N GLY G 123 10.89 0.99 -11.85
CA GLY G 123 9.83 1.66 -12.58
C GLY G 123 9.09 2.67 -11.72
N GLU G 124 8.20 3.42 -12.38
CA GLU G 124 7.47 4.46 -11.67
C GLU G 124 6.42 3.85 -10.73
N ALA G 125 6.19 4.53 -9.62
CA ALA G 125 5.41 3.98 -8.52
C ALA G 125 3.97 4.42 -8.64
N MET G 126 3.26 3.79 -9.57
CA MET G 126 1.86 4.11 -9.84
C MET G 126 1.12 2.80 -10.12
N HIS G 127 -0.11 2.92 -10.59
CA HIS G 127 -0.89 1.80 -11.08
C HIS G 127 -1.79 2.31 -12.18
N GLY G 128 -2.15 1.43 -13.09
CA GLY G 128 -3.16 1.72 -14.08
C GLY G 128 -4.55 1.51 -13.51
N GLN G 129 -5.54 1.62 -14.39
CA GLN G 129 -6.93 1.38 -14.03
C GLN G 129 -7.57 0.57 -15.15
N VAL G 130 -8.14 -0.58 -14.79
CA VAL G 130 -8.77 -1.44 -15.79
C VAL G 130 -9.99 -0.75 -16.39
N ASP G 131 -10.37 -1.22 -17.58
CA ASP G 131 -11.60 -0.77 -18.20
C ASP G 131 -12.80 -1.20 -17.36
N CYS G 132 -13.77 -0.29 -17.22
CA CYS G 132 -14.98 -0.57 -16.43
C CYS G 132 -16.24 -0.33 -17.25
N SER G 133 -16.15 -0.40 -18.58
CA SER G 133 -17.31 -0.19 -19.43
C SER G 133 -18.36 -1.25 -19.16
N PRO G 134 -19.65 -0.96 -19.41
CA PRO G 134 -20.71 -1.91 -19.03
C PRO G 134 -20.64 -3.25 -19.75
N GLY G 135 -19.95 -3.33 -20.88
CA GLY G 135 -19.86 -4.58 -21.61
C GLY G 135 -18.58 -5.36 -21.33
N ILE G 136 -17.90 -5.03 -20.23
CA ILE G 136 -16.55 -5.53 -19.96
C ILE G 136 -16.67 -6.75 -19.05
N TRP G 137 -16.10 -7.88 -19.46
CA TRP G 137 -16.05 -9.07 -18.63
C TRP G 137 -14.62 -9.55 -18.50
N GLN G 138 -14.24 -9.99 -17.30
CA GLN G 138 -12.92 -10.53 -17.03
C GLN G 138 -13.03 -12.01 -16.71
N LEU G 139 -12.31 -12.84 -17.44
CA LEU G 139 -12.35 -14.29 -17.30
C LEU G 139 -11.01 -14.82 -16.82
N ASP G 140 -11.06 -15.87 -15.99
CA ASP G 140 -9.86 -16.49 -15.47
C ASP G 140 -10.19 -17.92 -15.07
N CYS G 141 -9.15 -18.70 -14.85
CA CYS G 141 -9.27 -20.05 -14.31
C CYS G 141 -8.56 -20.11 -12.96
N THR G 142 -9.23 -20.66 -11.97
CA THR G 142 -8.63 -20.91 -10.67
C THR G 142 -8.72 -22.40 -10.38
N HIS G 143 -7.94 -22.85 -9.40
CA HIS G 143 -7.83 -24.27 -9.09
C HIS G 143 -8.18 -24.51 -7.64
N LEU G 144 -9.03 -25.49 -7.39
CA LEU G 144 -9.46 -25.82 -6.04
C LEU G 144 -9.68 -27.31 -5.94
N GLU G 145 -9.05 -27.94 -4.94
CA GLU G 145 -9.22 -29.38 -4.67
C GLU G 145 -8.91 -30.21 -5.91
N GLY G 146 -7.90 -29.79 -6.67
CA GLY G 146 -7.49 -30.51 -7.86
C GLY G 146 -8.41 -30.35 -9.04
N LYS G 147 -9.40 -29.48 -8.96
CA LYS G 147 -10.34 -29.25 -10.03
C LYS G 147 -10.20 -27.82 -10.52
N VAL G 148 -10.69 -27.57 -11.73
CA VAL G 148 -10.57 -26.28 -12.40
C VAL G 148 -11.92 -25.58 -12.34
N ILE G 149 -11.91 -24.32 -11.91
CA ILE G 149 -13.10 -23.48 -11.90
C ILE G 149 -12.85 -22.31 -12.85
N LEU G 150 -13.67 -22.21 -13.88
CA LEU G 150 -13.64 -21.09 -14.81
C LEU G 150 -14.58 -20.02 -14.28
N VAL G 151 -14.06 -18.80 -14.08
CA VAL G 151 -14.81 -17.72 -13.45
C VAL G 151 -14.80 -16.50 -14.37
N ALA G 152 -15.97 -15.92 -14.58
CA ALA G 152 -16.13 -14.64 -15.24
C ALA G 152 -16.68 -13.63 -14.24
N VAL G 153 -16.29 -12.38 -14.40
CA VAL G 153 -16.82 -11.29 -13.58
C VAL G 153 -17.21 -10.13 -14.49
N HIS G 154 -18.35 -9.53 -14.18
CA HIS G 154 -18.74 -8.24 -14.77
C HIS G 154 -18.06 -7.13 -13.98
N VAL G 155 -17.17 -6.40 -14.64
CA VAL G 155 -16.30 -5.47 -13.92
C VAL G 155 -17.10 -4.33 -13.32
N ALA G 156 -18.11 -3.84 -14.03
CA ALA G 156 -18.87 -2.69 -13.54
C ALA G 156 -19.58 -3.01 -12.24
N SER G 157 -20.15 -4.20 -12.12
CA SER G 157 -21.00 -4.54 -10.98
C SER G 157 -20.38 -5.52 -10.00
N GLY G 158 -19.43 -6.34 -10.43
CA GLY G 158 -18.92 -7.39 -9.58
C GLY G 158 -19.72 -8.67 -9.59
N TYR G 159 -20.70 -8.78 -10.48
CA TYR G 159 -21.48 -9.99 -10.64
C TYR G 159 -20.63 -11.09 -11.27
N ILE G 160 -20.64 -12.27 -10.65
CA ILE G 160 -19.77 -13.36 -11.06
C ILE G 160 -20.58 -14.50 -11.65
N GLU G 161 -19.90 -15.27 -12.50
CA GLU G 161 -20.36 -16.58 -12.97
C GLU G 161 -19.20 -17.55 -12.81
N ALA G 162 -19.49 -18.77 -12.40
CA ALA G 162 -18.41 -19.75 -12.21
C ALA G 162 -18.92 -21.14 -12.57
N GLU G 163 -18.03 -21.95 -13.12
CA GLU G 163 -18.35 -23.34 -13.42
C GLU G 163 -17.12 -24.21 -13.22
N VAL G 164 -17.31 -25.36 -12.59
CA VAL G 164 -16.26 -26.37 -12.48
C VAL G 164 -16.21 -27.15 -13.79
N ILE G 165 -15.02 -27.27 -14.37
CA ILE G 165 -14.85 -27.91 -15.68
C ILE G 165 -13.86 -29.05 -15.56
N PRO G 166 -13.98 -30.09 -16.40
CA PRO G 166 -13.01 -31.20 -16.34
C PRO G 166 -11.57 -30.80 -16.62
N ALA G 167 -11.33 -29.87 -17.53
CA ALA G 167 -9.96 -29.51 -17.86
C ALA G 167 -9.93 -28.08 -18.41
N GLU G 168 -8.74 -27.47 -18.34
CA GLU G 168 -8.51 -26.13 -18.87
C GLU G 168 -8.34 -26.19 -20.38
N THR G 169 -9.43 -26.55 -21.05
CA THR G 169 -9.43 -26.76 -22.48
C THR G 169 -10.06 -25.58 -23.21
N GLY G 170 -9.69 -25.42 -24.48
CA GLY G 170 -10.27 -24.36 -25.29
C GLY G 170 -11.75 -24.55 -25.57
N GLN G 171 -12.17 -25.80 -25.81
CA GLN G 171 -13.59 -26.06 -26.04
C GLN G 171 -14.42 -25.79 -24.79
N GLU G 172 -13.90 -26.16 -23.62
CA GLU G 172 -14.62 -25.88 -22.38
C GLU G 172 -14.78 -24.37 -22.17
N THR G 173 -13.72 -23.61 -22.41
CA THR G 173 -13.79 -22.17 -22.28
C THR G 173 -14.74 -21.56 -23.31
N ALA G 174 -14.73 -22.08 -24.53
CA ALA G 174 -15.64 -21.57 -25.56
C ALA G 174 -17.09 -21.85 -25.20
N TYR G 175 -17.37 -23.03 -24.64
CA TYR G 175 -18.73 -23.35 -24.21
C TYR G 175 -19.18 -22.44 -23.08
N PHE G 176 -18.31 -22.23 -22.08
CA PHE G 176 -18.60 -21.31 -20.99
C PHE G 176 -18.90 -19.92 -21.52
N LEU G 177 -18.08 -19.45 -22.47
CA LEU G 177 -18.25 -18.10 -22.99
C LEU G 177 -19.50 -17.96 -23.84
N LEU G 178 -19.85 -19.01 -24.61
CA LEU G 178 -21.09 -18.97 -25.37
C LEU G 178 -22.29 -18.90 -24.42
N LYS G 179 -22.25 -19.66 -23.34
CA LYS G 179 -23.32 -19.57 -22.33
C LYS G 179 -23.41 -18.15 -21.76
N LEU G 180 -22.27 -17.59 -21.37
CA LEU G 180 -22.26 -16.25 -20.80
C LEU G 180 -22.80 -15.22 -21.78
N ALA G 181 -22.39 -15.30 -23.04
CA ALA G 181 -22.86 -14.35 -24.04
C ALA G 181 -24.34 -14.52 -24.33
N GLY G 182 -24.85 -15.75 -24.24
CA GLY G 182 -26.28 -15.95 -24.43
C GLY G 182 -27.12 -15.53 -23.24
N ARG G 183 -26.52 -15.40 -22.06
CA ARG G 183 -27.27 -15.02 -20.89
C ARG G 183 -27.16 -13.54 -20.54
N TRP G 184 -26.07 -12.87 -20.88
CA TRP G 184 -25.86 -11.47 -20.56
C TRP G 184 -25.27 -10.76 -21.77
N PRO G 185 -25.42 -9.44 -21.85
CA PRO G 185 -24.84 -8.70 -22.98
C PRO G 185 -23.32 -8.52 -22.85
N VAL G 186 -22.56 -9.49 -23.35
CA VAL G 186 -21.10 -9.46 -23.29
C VAL G 186 -20.58 -8.87 -24.58
N LYS G 187 -19.83 -7.78 -24.48
CA LYS G 187 -19.26 -7.13 -25.65
C LYS G 187 -17.76 -7.36 -25.82
N THR G 188 -17.02 -7.53 -24.73
CA THR G 188 -15.63 -7.97 -24.84
C THR G 188 -15.21 -8.66 -23.55
N VAL G 189 -14.19 -9.51 -23.68
CA VAL G 189 -13.65 -10.27 -22.56
C VAL G 189 -12.19 -9.91 -22.39
N HIS G 190 -11.74 -9.84 -21.15
CA HIS G 190 -10.35 -9.57 -20.82
C HIS G 190 -9.79 -10.78 -20.07
N THR G 191 -8.87 -11.50 -20.71
CA THR G 191 -8.27 -12.70 -20.14
C THR G 191 -6.75 -12.58 -20.22
N ASP G 192 -6.08 -13.41 -19.44
CA ASP G 192 -4.63 -13.52 -19.55
C ASP G 192 -4.32 -14.41 -20.76
N ASN G 193 -3.06 -14.82 -20.91
CA ASN G 193 -2.63 -15.56 -22.08
C ASN G 193 -2.44 -17.04 -21.80
N GLY G 194 -3.29 -17.62 -20.96
CA GLY G 194 -3.32 -19.06 -20.82
C GLY G 194 -3.71 -19.74 -22.12
N SER G 195 -3.32 -21.01 -22.24
CA SER G 195 -3.46 -21.70 -23.51
C SER G 195 -4.93 -21.83 -23.93
N ASN G 196 -5.83 -22.04 -22.97
CA ASN G 196 -7.24 -22.18 -23.29
C ASN G 196 -7.82 -20.88 -23.83
N PHE G 197 -7.47 -19.75 -23.24
CA PHE G 197 -8.04 -18.48 -23.66
C PHE G 197 -7.54 -18.05 -25.03
N THR G 198 -6.34 -18.50 -25.41
CA THR G 198 -5.75 -18.15 -26.69
C THR G 198 -6.05 -19.17 -27.78
N SER G 199 -6.88 -20.17 -27.48
CA SER G 199 -7.20 -21.21 -28.45
C SER G 199 -8.05 -20.64 -29.59
N THR G 200 -8.01 -21.35 -30.73
CA THR G 200 -8.79 -20.94 -31.88
C THR G 200 -10.28 -21.16 -31.65
N THR G 201 -10.65 -22.14 -30.83
CA THR G 201 -12.06 -22.38 -30.55
C THR G 201 -12.69 -21.21 -29.81
N VAL G 202 -11.98 -20.66 -28.81
CA VAL G 202 -12.49 -19.49 -28.11
C VAL G 202 -12.59 -18.30 -29.05
N LYS G 203 -11.63 -18.17 -29.96
CA LYS G 203 -11.68 -17.10 -30.94
C LYS G 203 -12.90 -17.22 -31.84
N ALA G 204 -13.20 -18.43 -32.29
CA ALA G 204 -14.39 -18.64 -33.12
C ALA G 204 -15.66 -18.37 -32.32
N ALA G 205 -15.70 -18.77 -31.05
CA ALA G 205 -16.86 -18.48 -30.22
C ALA G 205 -17.06 -16.98 -30.07
N CYS G 206 -15.98 -16.24 -29.82
CA CYS G 206 -16.07 -14.80 -29.68
C CYS G 206 -16.51 -14.14 -30.99
N TRP G 207 -16.02 -14.66 -32.13
CA TRP G 207 -16.43 -14.12 -33.42
C TRP G 207 -17.91 -14.35 -33.66
N TRP G 208 -18.41 -15.55 -33.34
CA TRP G 208 -19.83 -15.82 -33.54
C TRP G 208 -20.70 -14.99 -32.61
N ALA G 209 -20.26 -14.81 -31.36
CA ALA G 209 -21.03 -14.07 -30.38
C ALA G 209 -20.83 -12.57 -30.45
N GLY G 210 -19.99 -12.08 -31.36
CA GLY G 210 -19.70 -10.67 -31.44
C GLY G 210 -18.97 -10.12 -30.24
N ILE G 211 -18.01 -10.88 -29.71
CA ILE G 211 -17.23 -10.49 -28.54
C ILE G 211 -15.82 -10.15 -28.99
N LYS G 212 -15.30 -9.03 -28.52
CA LYS G 212 -13.92 -8.65 -28.75
C LYS G 212 -13.04 -9.24 -27.65
N GLN G 213 -11.81 -9.59 -28.01
CA GLN G 213 -10.87 -10.19 -27.08
C GLN G 213 -9.74 -9.22 -26.78
N LYS G 214 -9.57 -8.91 -25.50
CA LYS G 214 -8.45 -8.10 -25.02
C LYS G 214 -7.60 -8.99 -24.12
N PHE G 215 -6.37 -9.25 -24.53
CA PHE G 215 -5.47 -10.08 -23.75
C PHE G 215 -4.56 -9.19 -22.92
N ALA G 216 -4.37 -9.59 -21.66
CA ALA G 216 -3.53 -8.82 -20.77
C ALA G 216 -2.07 -8.89 -21.18
N ILE G 217 -1.28 -7.97 -20.62
CA ILE G 217 0.17 -8.07 -20.77
C ILE G 217 0.65 -9.35 -20.10
N PRO G 218 1.48 -10.16 -20.76
CA PRO G 218 1.86 -11.45 -20.17
C PRO G 218 2.56 -11.28 -18.82
N TYR G 219 2.26 -12.21 -17.92
CA TYR G 219 2.81 -12.23 -16.57
C TYR G 219 2.49 -10.96 -15.80
N ASN G 220 1.32 -10.37 -16.07
CA ASN G 220 0.84 -9.19 -15.34
C ASN G 220 -0.58 -9.47 -14.86
N PRO G 221 -0.71 -10.17 -13.72
CA PRO G 221 -2.06 -10.48 -13.22
C PRO G 221 -2.87 -9.26 -12.85
N GLN G 222 -2.21 -8.15 -12.50
CA GLN G 222 -2.90 -6.94 -12.11
C GLN G 222 -3.81 -6.43 -13.22
N SER G 223 -3.49 -6.74 -14.47
CA SER G 223 -4.32 -6.34 -15.60
C SER G 223 -5.75 -6.86 -15.47
N LYS G 224 -5.93 -8.00 -14.78
CA LYS G 224 -7.26 -8.53 -14.54
C LYS G 224 -7.55 -8.57 -13.05
N GLY G 225 -7.09 -7.54 -12.33
CA GLY G 225 -7.14 -7.56 -10.88
C GLY G 225 -8.52 -7.88 -10.34
N VAL G 226 -9.56 -7.30 -10.94
CA VAL G 226 -10.92 -7.56 -10.50
C VAL G 226 -11.17 -9.06 -10.39
N ILE G 227 -11.01 -9.79 -11.50
CA ILE G 227 -11.32 -11.21 -11.46
C ILE G 227 -10.42 -11.91 -10.46
N GLU G 228 -9.15 -11.48 -10.38
CA GLU G 228 -8.24 -12.07 -9.41
C GLU G 228 -8.80 -11.92 -8.01
N SER G 229 -9.22 -10.71 -7.65
CA SER G 229 -9.84 -10.50 -6.35
C SER G 229 -11.07 -11.38 -6.20
N MET G 230 -11.90 -11.45 -7.24
CA MET G 230 -13.09 -12.28 -7.17
C MET G 230 -12.70 -13.73 -6.92
N ASN G 231 -11.64 -14.20 -7.59
CA ASN G 231 -11.14 -15.54 -7.31
C ASN G 231 -11.01 -15.75 -5.81
N LYS G 232 -10.23 -14.88 -5.16
CA LYS G 232 -10.06 -14.98 -3.71
C LYS G 232 -11.42 -14.99 -3.03
N GLU G 233 -12.25 -13.99 -3.34
CA GLU G 233 -13.56 -13.90 -2.72
C GLU G 233 -14.34 -15.19 -2.93
N LEU G 234 -14.38 -15.67 -4.18
CA LEU G 234 -15.14 -16.88 -4.46
C LEU G 234 -14.64 -18.03 -3.60
N LYS G 235 -13.32 -18.21 -3.56
CA LYS G 235 -12.76 -19.30 -2.77
C LYS G 235 -13.13 -19.14 -1.30
N LYS G 236 -13.06 -17.90 -0.81
CA LYS G 236 -13.43 -17.66 0.58
C LYS G 236 -14.84 -18.16 0.85
N ILE G 237 -15.78 -17.81 -0.03
CA ILE G 237 -17.16 -18.25 0.19
C ILE G 237 -17.27 -19.76 0.12
N ILE G 238 -16.51 -20.37 -0.79
CA ILE G 238 -16.51 -21.83 -0.86
C ILE G 238 -16.03 -22.40 0.47
N GLY G 239 -14.98 -21.81 1.03
CA GLY G 239 -14.48 -22.28 2.32
C GLY G 239 -15.50 -22.14 3.42
N GLN G 240 -16.49 -21.27 3.24
CA GLN G 240 -17.52 -21.09 4.25
C GLN G 240 -18.64 -22.12 4.13
N VAL G 241 -18.85 -22.67 2.93
CA VAL G 241 -20.01 -23.50 2.67
C VAL G 241 -19.64 -24.89 2.19
N ARG G 242 -18.35 -25.26 2.27
CA ARG G 242 -17.92 -26.53 1.71
C ARG G 242 -18.59 -27.72 2.39
N ASP G 243 -18.94 -27.59 3.67
CA ASP G 243 -19.59 -28.68 4.36
C ASP G 243 -21.04 -28.85 3.94
N GLN G 244 -21.67 -27.81 3.38
CA GLN G 244 -23.05 -27.90 2.96
C GLN G 244 -23.25 -28.65 1.64
N ALA G 245 -22.17 -28.93 0.93
CA ALA G 245 -22.23 -29.61 -0.35
C ALA G 245 -21.23 -30.76 -0.36
N GLU G 246 -21.58 -31.85 -1.02
CA GLU G 246 -20.67 -32.98 -1.08
C GLU G 246 -19.73 -32.88 -2.28
N HIS G 247 -20.25 -32.52 -3.45
CA HIS G 247 -19.40 -32.19 -4.58
C HIS G 247 -18.87 -30.76 -4.48
N LEU G 248 -17.79 -30.51 -5.22
CA LEU G 248 -17.25 -29.16 -5.31
C LEU G 248 -18.07 -28.28 -6.25
N LYS G 249 -18.69 -28.85 -7.29
CA LYS G 249 -19.50 -28.05 -8.20
C LYS G 249 -20.69 -27.43 -7.49
N THR G 250 -21.35 -28.19 -6.63
CA THR G 250 -22.47 -27.64 -5.87
C THR G 250 -22.03 -26.54 -4.93
N ALA G 251 -20.89 -26.71 -4.28
CA ALA G 251 -20.36 -25.65 -3.40
C ALA G 251 -19.98 -24.42 -4.20
N VAL G 252 -19.48 -24.61 -5.41
CA VAL G 252 -19.14 -23.48 -6.28
C VAL G 252 -20.41 -22.71 -6.63
N GLN G 253 -21.48 -23.42 -6.97
CA GLN G 253 -22.73 -22.75 -7.29
C GLN G 253 -23.32 -22.06 -6.07
N MET G 254 -23.19 -22.68 -4.89
CA MET G 254 -23.62 -22.03 -3.66
C MET G 254 -22.85 -20.73 -3.43
N ALA G 255 -21.54 -20.75 -3.66
CA ALA G 255 -20.73 -19.55 -3.49
C ALA G 255 -21.13 -18.47 -4.48
N VAL G 256 -21.40 -18.86 -5.72
CA VAL G 256 -21.84 -17.88 -6.73
C VAL G 256 -23.15 -17.24 -6.30
N PHE G 257 -24.09 -18.06 -5.82
CA PHE G 257 -25.37 -17.55 -5.33
C PHE G 257 -25.17 -16.58 -4.19
N ILE G 258 -24.32 -16.95 -3.22
CA ILE G 258 -24.11 -16.12 -2.04
C ILE G 258 -23.46 -14.80 -2.43
N HIS G 259 -22.45 -14.84 -3.30
CA HIS G 259 -21.81 -13.60 -3.72
C HIS G 259 -22.78 -12.70 -4.47
N ASN G 260 -23.61 -13.28 -5.34
CA ASN G 260 -24.46 -12.47 -6.20
C ASN G 260 -25.67 -11.89 -5.48
N PHE G 261 -26.18 -12.56 -4.44
CA PHE G 261 -27.41 -12.09 -3.80
C PHE G 261 -27.38 -12.00 -2.28
N LYS G 262 -26.30 -12.42 -1.62
CA LYS G 262 -26.27 -12.41 -0.16
C LYS G 262 -25.16 -11.55 0.42
N ARG G 263 -24.46 -10.78 -0.41
CA ARG G 263 -23.41 -9.89 0.07
C ARG G 263 -23.70 -8.50 -0.47
N LYS G 264 -23.81 -7.52 0.42
CA LYS G 264 -24.24 -6.18 0.05
C LYS G 264 -23.17 -5.16 0.37
N GLY G 265 -22.99 -4.22 -0.55
CA GLY G 265 -21.96 -3.21 -0.41
C GLY G 265 -21.76 -2.51 -1.74
N GLY G 266 -20.59 -1.90 -1.90
CA GLY G 266 -20.28 -1.27 -3.16
C GLY G 266 -20.96 0.07 -3.34
N ILE G 267 -21.03 0.51 -4.61
CA ILE G 267 -21.40 1.89 -4.90
C ILE G 267 -22.83 2.17 -4.47
N GLY G 268 -23.75 1.24 -4.72
CA GLY G 268 -25.14 1.49 -4.41
C GLY G 268 -25.64 0.80 -3.16
N GLY G 269 -24.74 0.32 -2.31
CA GLY G 269 -25.14 -0.54 -1.21
C GLY G 269 -25.81 -1.81 -1.69
N TYR G 270 -25.50 -2.24 -2.90
CA TYR G 270 -26.20 -3.27 -3.62
C TYR G 270 -25.65 -4.66 -3.32
N SER G 271 -26.36 -5.66 -3.81
CA SER G 271 -25.78 -6.95 -4.14
C SER G 271 -25.22 -6.88 -5.56
N ALA G 272 -24.42 -7.88 -5.92
CA ALA G 272 -23.88 -7.93 -7.27
C ALA G 272 -24.98 -8.09 -8.31
N GLY G 273 -25.99 -8.92 -8.02
CA GLY G 273 -27.10 -9.08 -8.95
C GLY G 273 -27.94 -7.82 -9.09
N GLU G 274 -28.24 -7.17 -7.96
CA GLU G 274 -28.96 -5.90 -8.01
C GLU G 274 -28.15 -4.87 -8.78
N ARG G 275 -26.85 -4.79 -8.52
CA ARG G 275 -26.01 -3.82 -9.18
C ARG G 275 -25.91 -4.08 -10.68
N ILE G 276 -25.82 -5.34 -11.09
CA ILE G 276 -25.72 -5.61 -12.52
C ILE G 276 -27.04 -5.29 -13.22
N VAL G 277 -28.16 -5.59 -12.58
CA VAL G 277 -29.45 -5.23 -13.15
C VAL G 277 -29.55 -3.72 -13.30
N ASP G 278 -29.14 -2.99 -12.25
CA ASP G 278 -29.15 -1.54 -12.31
C ASP G 278 -28.25 -1.01 -13.42
N ILE G 279 -27.04 -1.55 -13.53
CA ILE G 279 -26.10 -1.07 -14.54
C ILE G 279 -26.67 -1.28 -15.94
N ILE G 280 -27.19 -2.48 -16.21
CA ILE G 280 -27.67 -2.77 -17.57
C ILE G 280 -28.92 -1.96 -17.89
N ALA G 281 -29.87 -1.90 -16.95
CA ALA G 281 -31.08 -1.12 -17.18
C ALA G 281 -30.75 0.35 -17.36
N THR G 282 -29.82 0.87 -16.55
CA THR G 282 -29.41 2.26 -16.70
C THR G 282 -28.78 2.51 -18.06
N ASP G 283 -27.95 1.58 -18.52
CA ASP G 283 -27.36 1.73 -19.85
C ASP G 283 -28.44 1.84 -20.92
N ILE G 284 -29.42 0.93 -20.88
CA ILE G 284 -30.48 0.95 -21.89
C ILE G 284 -31.29 2.24 -21.79
N GLN G 285 -31.69 2.61 -20.58
CA GLN G 285 -32.55 3.77 -20.37
C GLN G 285 -31.85 5.06 -20.78
N THR G 286 -30.59 5.22 -20.35
CA THR G 286 -29.84 6.42 -20.71
C THR G 286 -29.62 6.50 -22.21
N LYS G 287 -29.34 5.37 -22.86
CA LYS G 287 -29.19 5.38 -24.30
C LYS G 287 -30.45 5.88 -24.98
N GLU G 288 -31.62 5.33 -24.60
CA GLU G 288 -32.86 5.75 -25.23
C GLU G 288 -33.18 7.21 -24.94
N LEU G 289 -32.96 7.65 -23.70
CA LEU G 289 -33.23 9.04 -23.33
C LEU G 289 -32.36 9.99 -24.13
N GLN G 290 -31.05 9.73 -24.21
CA GLN G 290 -30.17 10.60 -24.95
C GLN G 290 -30.50 10.58 -26.43
N LYS G 291 -30.92 9.44 -26.96
CA LYS G 291 -31.32 9.38 -28.35
C LYS G 291 -32.50 10.31 -28.61
N GLN G 292 -33.51 10.26 -27.75
CA GLN G 292 -34.67 11.15 -27.93
C GLN G 292 -34.26 12.61 -27.78
N ILE G 293 -33.40 12.91 -26.80
CA ILE G 293 -33.01 14.30 -26.57
C ILE G 293 -32.25 14.85 -27.76
N THR G 294 -31.28 14.09 -28.27
CA THR G 294 -30.55 14.54 -29.45
C THR G 294 -31.46 14.63 -30.66
N LYS G 295 -32.51 13.81 -30.71
CA LYS G 295 -33.50 13.96 -31.77
C LYS G 295 -34.21 15.30 -31.67
N ILE G 296 -34.61 15.69 -30.47
CA ILE G 296 -35.32 16.96 -30.29
C ILE G 296 -34.34 18.13 -30.27
N GLN G 297 -33.41 18.13 -29.33
CA GLN G 297 -32.45 19.22 -29.17
C GLN G 297 -31.47 19.20 -30.34
N ASN G 298 -31.45 20.28 -31.12
CA ASN G 298 -30.59 20.38 -32.30
C ASN G 298 -30.13 21.82 -32.44
N PHE G 299 -28.88 22.09 -32.04
CA PHE G 299 -28.34 23.43 -32.11
C PHE G 299 -26.85 23.36 -32.43
N ARG G 300 -26.32 24.46 -32.95
CA ARG G 300 -24.90 24.63 -33.20
C ARG G 300 -24.40 25.80 -32.38
N VAL G 301 -23.26 25.62 -31.72
CA VAL G 301 -22.73 26.60 -30.79
C VAL G 301 -21.36 27.06 -31.29
N TYR G 302 -21.17 28.37 -31.33
CA TYR G 302 -19.87 28.98 -31.60
C TYR G 302 -19.32 29.53 -30.29
N TYR G 303 -18.00 29.49 -30.15
CA TYR G 303 -17.36 29.95 -28.93
C TYR G 303 -16.03 30.61 -29.26
N ARG G 304 -15.58 31.47 -28.36
CA ARG G 304 -14.31 32.18 -28.50
C ARG G 304 -14.22 32.94 -29.82
N LYS G 312 -14.29 30.21 -33.50
CA LYS G 312 -14.25 28.76 -33.69
C LYS G 312 -15.40 28.29 -34.56
N GLY G 313 -15.37 27.00 -34.95
CA GLY G 313 -16.34 26.47 -35.86
C GLY G 313 -17.66 26.16 -35.17
N PRO G 314 -18.62 25.70 -35.98
CA PRO G 314 -19.96 25.36 -35.46
C PRO G 314 -19.99 24.04 -34.70
N ALA G 315 -19.58 24.10 -33.43
CA ALA G 315 -19.58 22.91 -32.58
C ALA G 315 -21.01 22.49 -32.27
N LYS G 316 -21.25 21.19 -32.29
CA LYS G 316 -22.56 20.66 -31.95
C LYS G 316 -22.85 20.85 -30.48
N LEU G 317 -24.07 21.28 -30.17
CA LEU G 317 -24.48 21.50 -28.79
C LEU G 317 -24.73 20.16 -28.10
N LEU G 318 -24.13 19.98 -26.93
CA LEU G 318 -24.32 18.78 -26.14
C LEU G 318 -25.14 19.04 -24.89
N TRP G 319 -24.76 20.04 -24.10
CA TRP G 319 -25.51 20.37 -22.89
C TRP G 319 -25.28 21.84 -22.56
N LYS G 320 -26.28 22.46 -21.92
CA LYS G 320 -26.17 23.87 -21.55
C LYS G 320 -26.88 24.11 -20.24
N GLY G 321 -26.43 25.13 -19.53
CA GLY G 321 -27.11 25.59 -18.33
C GLY G 321 -26.12 26.00 -17.25
N GLU G 322 -26.64 26.72 -16.26
CA GLU G 322 -25.86 27.14 -15.09
C GLU G 322 -24.61 27.93 -15.48
N GLY G 323 -24.71 28.69 -16.57
CA GLY G 323 -23.58 29.48 -17.02
C GLY G 323 -22.49 28.70 -17.72
N ALA G 324 -22.72 27.43 -18.02
CA ALA G 324 -21.72 26.60 -18.68
C ALA G 324 -22.37 25.81 -19.81
N VAL G 325 -21.63 25.64 -20.90
CA VAL G 325 -22.07 24.89 -22.07
C VAL G 325 -21.01 23.85 -22.41
N VAL G 326 -21.43 22.60 -22.49
CA VAL G 326 -20.57 21.51 -22.94
C VAL G 326 -20.88 21.25 -24.40
N ILE G 327 -19.86 21.30 -25.25
CA ILE G 327 -20.01 21.16 -26.70
C ILE G 327 -19.04 20.11 -27.18
N GLN G 328 -19.22 19.69 -28.44
CA GLN G 328 -18.34 18.73 -29.09
C GLN G 328 -17.88 19.33 -30.42
N ASP G 329 -16.67 19.89 -30.42
CA ASP G 329 -16.09 20.51 -31.62
C ASP G 329 -15.07 19.56 -32.22
N ASN G 330 -15.35 19.08 -33.43
CA ASN G 330 -14.47 18.17 -34.17
C ASN G 330 -14.12 16.95 -33.32
N SER G 331 -15.16 16.33 -32.74
CA SER G 331 -15.01 15.13 -31.91
C SER G 331 -14.08 15.38 -30.74
N ASP G 332 -14.17 16.57 -30.14
CA ASP G 332 -13.37 16.94 -28.97
C ASP G 332 -14.30 17.64 -27.99
N ILE G 333 -14.86 16.88 -27.04
CA ILE G 333 -15.81 17.43 -26.09
C ILE G 333 -15.10 18.38 -25.15
N LYS G 334 -15.67 19.56 -24.96
CA LYS G 334 -15.06 20.57 -24.12
C LYS G 334 -16.13 21.40 -23.41
N VAL G 335 -15.78 21.93 -22.25
CA VAL G 335 -16.65 22.76 -21.43
C VAL G 335 -16.22 24.21 -21.59
N VAL G 336 -17.18 25.10 -21.80
CA VAL G 336 -16.89 26.53 -21.90
C VAL G 336 -17.90 27.27 -21.03
N PRO G 337 -17.54 28.47 -20.56
CA PRO G 337 -18.52 29.30 -19.87
C PRO G 337 -19.56 29.83 -20.84
N ARG G 338 -20.73 30.19 -20.29
CA ARG G 338 -21.79 30.72 -21.13
C ARG G 338 -21.37 32.02 -21.79
N ARG G 339 -20.56 32.83 -21.11
CA ARG G 339 -19.97 34.00 -21.73
C ARG G 339 -19.02 33.57 -22.85
N LYS G 340 -18.94 34.41 -23.88
CA LYS G 340 -18.18 34.09 -25.10
C LYS G 340 -18.67 32.78 -25.73
N ALA G 341 -19.99 32.69 -25.91
CA ALA G 341 -20.60 31.54 -26.54
C ALA G 341 -21.95 31.96 -27.11
N LYS G 342 -22.22 31.56 -28.34
CA LYS G 342 -23.48 31.88 -29.01
C LYS G 342 -24.11 30.59 -29.52
N ILE G 343 -25.42 30.46 -29.34
CA ILE G 343 -26.16 29.26 -29.71
C ILE G 343 -27.19 29.63 -30.76
N ILE G 344 -27.18 28.90 -31.87
CA ILE G 344 -28.13 29.12 -32.95
C ILE G 344 -29.00 27.88 -33.15
N LEU H 78 -44.65 17.60 -1.40
CA LEU H 78 -44.91 18.72 -0.51
C LEU H 78 -46.12 19.53 -0.97
N ASP H 79 -45.91 20.41 -1.95
CA ASP H 79 -46.99 21.27 -2.42
C ASP H 79 -47.98 20.54 -3.32
N GLY H 80 -47.54 19.46 -3.96
CA GLY H 80 -48.35 18.77 -4.96
C GLY H 80 -49.23 17.65 -4.45
N ILE H 81 -49.37 17.48 -3.14
CA ILE H 81 -50.19 16.39 -2.61
C ILE H 81 -51.65 16.59 -3.00
N ASP H 82 -52.15 17.82 -2.86
CA ASP H 82 -53.55 18.10 -3.19
C ASP H 82 -53.83 17.85 -4.66
N LYS H 83 -52.94 18.30 -5.54
CA LYS H 83 -53.11 18.03 -6.96
C LYS H 83 -53.05 16.54 -7.25
N ALA H 84 -52.16 15.83 -6.56
CA ALA H 84 -52.02 14.39 -6.79
C ALA H 84 -53.28 13.63 -6.40
N GLN H 85 -53.88 13.98 -5.26
CA GLN H 85 -55.13 13.33 -4.85
C GLN H 85 -56.23 13.61 -5.85
N GLU H 86 -56.33 14.86 -6.32
CA GLU H 86 -57.33 15.19 -7.32
C GLU H 86 -57.12 14.39 -8.60
N GLU H 87 -55.87 14.27 -9.05
CA GLU H 87 -55.58 13.50 -10.26
C GLU H 87 -55.94 12.04 -10.07
N HIS H 88 -55.64 11.48 -8.91
CA HIS H 88 -55.97 10.08 -8.65
C HIS H 88 -57.48 9.86 -8.65
N GLU H 89 -58.23 10.79 -8.06
CA GLU H 89 -59.68 10.64 -8.04
C GLU H 89 -60.28 10.70 -9.44
N LYS H 90 -59.63 11.44 -10.34
CA LYS H 90 -60.21 11.65 -11.67
C LYS H 90 -59.86 10.50 -12.61
N TYR H 91 -58.70 9.85 -12.42
CA TYR H 91 -58.22 8.87 -13.38
C TYR H 91 -57.78 7.55 -12.76
N HIS H 92 -57.68 7.44 -11.44
CA HIS H 92 -57.25 6.21 -10.78
C HIS H 92 -55.93 5.72 -11.35
N SER H 93 -54.91 6.57 -11.31
CA SER H 93 -53.60 6.23 -11.84
C SER H 93 -52.73 5.62 -10.75
N ASN H 94 -51.77 4.81 -11.17
CA ASN H 94 -50.84 4.19 -10.24
C ASN H 94 -49.92 5.25 -9.63
N TRP H 95 -49.15 4.82 -8.63
CA TRP H 95 -48.32 5.76 -7.89
C TRP H 95 -47.11 6.20 -8.70
N ARG H 96 -46.58 5.33 -9.57
CA ARG H 96 -45.38 5.69 -10.34
C ARG H 96 -45.66 6.88 -11.24
N ALA H 97 -46.79 6.88 -11.95
CA ALA H 97 -47.12 7.98 -12.84
C ALA H 97 -47.30 9.28 -12.07
N MET H 98 -48.00 9.22 -10.94
CA MET H 98 -48.26 10.43 -10.17
C MET H 98 -47.00 10.91 -9.46
N ALA H 99 -46.16 9.99 -8.99
CA ALA H 99 -44.90 10.39 -8.37
C ALA H 99 -43.98 11.04 -9.39
N SER H 100 -43.98 10.53 -10.62
CA SER H 100 -43.20 11.17 -11.68
C SER H 100 -43.77 12.53 -12.06
N ASP H 101 -45.10 12.64 -12.13
CA ASP H 101 -45.71 13.87 -12.62
C ASP H 101 -45.61 15.00 -11.61
N PHE H 102 -45.84 14.71 -10.33
CA PHE H 102 -45.97 15.75 -9.32
C PHE H 102 -44.80 15.77 -8.34
N ASN H 103 -43.69 15.12 -8.67
CA ASN H 103 -42.45 15.20 -7.90
C ASN H 103 -42.66 14.85 -6.43
N LEU H 104 -43.40 13.77 -6.18
CA LEU H 104 -43.59 13.35 -4.80
C LEU H 104 -42.73 12.12 -4.49
N PRO H 105 -42.32 11.95 -3.24
CA PRO H 105 -41.67 10.70 -2.85
C PRO H 105 -42.60 9.53 -3.07
N PRO H 106 -42.08 8.38 -3.50
CA PRO H 106 -42.96 7.25 -3.84
C PRO H 106 -43.80 6.76 -2.69
N VAL H 107 -43.37 6.96 -1.45
CA VAL H 107 -44.16 6.50 -0.30
C VAL H 107 -45.48 7.23 -0.24
N VAL H 108 -45.47 8.55 -0.42
CA VAL H 108 -46.70 9.33 -0.39
C VAL H 108 -47.62 8.95 -1.55
N ALA H 109 -47.06 8.78 -2.74
CA ALA H 109 -47.87 8.39 -3.89
C ALA H 109 -48.52 7.03 -3.66
N LYS H 110 -47.76 6.08 -3.11
CA LYS H 110 -48.31 4.78 -2.77
C LYS H 110 -49.41 4.92 -1.72
N GLU H 111 -49.22 5.81 -0.75
CA GLU H 111 -50.23 5.99 0.30
C GLU H 111 -51.53 6.52 -0.27
N ILE H 112 -51.46 7.50 -1.17
CA ILE H 112 -52.71 8.03 -1.72
C ILE H 112 -53.30 7.09 -2.77
N VAL H 113 -52.49 6.22 -3.37
CA VAL H 113 -53.03 5.20 -4.25
C VAL H 113 -53.77 4.14 -3.44
N ALA H 114 -53.24 3.77 -2.28
CA ALA H 114 -53.80 2.70 -1.46
C ALA H 114 -54.83 3.19 -0.45
N SER H 115 -55.12 4.49 -0.43
CA SER H 115 -56.15 5.01 0.46
C SER H 115 -57.54 5.04 -0.18
N CYS H 116 -57.65 4.67 -1.45
CA CYS H 116 -58.93 4.66 -2.16
C CYS H 116 -59.30 3.22 -2.48
N ASP H 117 -60.38 2.74 -1.87
CA ASP H 117 -60.82 1.36 -2.10
C ASP H 117 -61.30 1.15 -3.52
N LYS H 118 -61.67 2.22 -4.22
CA LYS H 118 -62.12 2.09 -5.61
C LYS H 118 -60.96 1.93 -6.58
N CYS H 119 -59.72 2.14 -6.14
CA CYS H 119 -58.55 1.97 -6.98
C CYS H 119 -57.81 0.67 -6.68
N GLN H 120 -58.50 -0.31 -6.10
CA GLN H 120 -57.89 -1.59 -5.75
C GLN H 120 -58.61 -2.74 -6.45
N SER H 133 -44.51 -12.43 -9.98
CA SER H 133 -44.29 -12.55 -11.43
C SER H 133 -42.81 -12.50 -11.83
N PRO H 134 -42.05 -11.47 -11.39
CA PRO H 134 -40.64 -11.42 -11.78
C PRO H 134 -39.82 -12.59 -11.25
N GLY H 135 -40.26 -13.25 -10.18
CA GLY H 135 -39.49 -14.31 -9.59
C GLY H 135 -39.98 -15.72 -9.89
N ILE H 136 -40.87 -15.86 -10.87
CA ILE H 136 -41.46 -17.15 -11.22
C ILE H 136 -40.84 -17.64 -12.51
N TRP H 137 -40.28 -18.86 -12.47
CA TRP H 137 -39.72 -19.52 -13.62
C TRP H 137 -40.45 -20.84 -13.84
N GLN H 138 -40.50 -21.28 -15.08
CA GLN H 138 -41.20 -22.52 -15.41
C GLN H 138 -40.27 -23.41 -16.22
N LEU H 139 -40.06 -24.63 -15.73
CA LEU H 139 -39.04 -25.52 -16.26
C LEU H 139 -39.65 -26.78 -16.85
N ASP H 140 -38.96 -27.33 -17.84
CA ASP H 140 -39.36 -28.59 -18.44
C ASP H 140 -38.16 -29.22 -19.15
N CYS H 141 -38.21 -30.53 -19.30
CA CYS H 141 -37.21 -31.28 -20.05
C CYS H 141 -37.79 -31.69 -21.39
N THR H 142 -37.08 -31.37 -22.46
CA THR H 142 -37.45 -31.76 -23.81
C THR H 142 -36.40 -32.70 -24.38
N HIS H 143 -36.66 -33.20 -25.58
CA HIS H 143 -35.77 -34.16 -26.21
C HIS H 143 -35.53 -33.78 -27.67
N LEU H 144 -34.28 -33.93 -28.09
CA LEU H 144 -33.88 -33.66 -29.46
C LEU H 144 -32.62 -34.44 -29.76
N GLU H 145 -32.63 -35.23 -30.84
CA GLU H 145 -31.49 -36.02 -31.27
C GLU H 145 -31.01 -36.97 -30.16
N GLY H 146 -31.96 -37.49 -29.38
CA GLY H 146 -31.61 -38.38 -28.30
C GLY H 146 -31.03 -37.70 -27.08
N LYS H 147 -31.02 -36.37 -27.05
CA LYS H 147 -30.45 -35.60 -25.94
C LYS H 147 -31.57 -34.85 -25.23
N VAL H 148 -31.56 -34.92 -23.90
CA VAL H 148 -32.54 -34.24 -23.07
C VAL H 148 -32.01 -32.84 -22.78
N ILE H 149 -32.80 -31.83 -23.15
CA ILE H 149 -32.46 -30.43 -22.93
C ILE H 149 -33.36 -29.91 -21.81
N LEU H 150 -32.76 -29.38 -20.76
CA LEU H 150 -33.51 -28.77 -19.66
C LEU H 150 -33.67 -27.28 -19.94
N VAL H 151 -34.90 -26.81 -19.92
CA VAL H 151 -35.24 -25.44 -20.30
C VAL H 151 -35.99 -24.79 -19.15
N ALA H 152 -35.55 -23.60 -18.75
CA ALA H 152 -36.27 -22.74 -17.82
C ALA H 152 -36.66 -21.46 -18.55
N VAL H 153 -37.92 -21.04 -18.37
CA VAL H 153 -38.42 -19.83 -18.99
C VAL H 153 -38.81 -18.86 -17.88
N HIS H 154 -38.37 -17.61 -18.03
CA HIS H 154 -38.89 -16.50 -17.24
C HIS H 154 -40.23 -16.09 -17.84
N VAL H 155 -41.31 -16.35 -17.10
CA VAL H 155 -42.66 -16.19 -17.65
C VAL H 155 -42.93 -14.74 -18.02
N ALA H 156 -42.53 -13.81 -17.17
CA ALA H 156 -42.85 -12.41 -17.39
C ALA H 156 -42.19 -11.86 -18.65
N SER H 157 -41.00 -12.35 -18.99
CA SER H 157 -40.21 -11.75 -20.06
C SER H 157 -40.00 -12.63 -21.28
N GLY H 158 -40.14 -13.94 -21.16
CA GLY H 158 -39.77 -14.82 -22.25
C GLY H 158 -38.31 -15.20 -22.29
N TYR H 159 -37.53 -14.77 -21.30
CA TYR H 159 -36.13 -15.12 -21.19
C TYR H 159 -35.98 -16.62 -20.94
N ILE H 160 -34.97 -17.23 -21.56
CA ILE H 160 -34.77 -18.67 -21.48
C ILE H 160 -33.36 -18.98 -21.02
N GLU H 161 -33.25 -20.04 -20.21
CA GLU H 161 -31.97 -20.65 -19.88
C GLU H 161 -32.12 -22.14 -20.18
N ALA H 162 -31.44 -22.61 -21.22
CA ALA H 162 -31.55 -23.99 -21.66
C ALA H 162 -30.17 -24.61 -21.76
N GLU H 163 -30.04 -25.85 -21.32
CA GLU H 163 -28.77 -26.56 -21.47
C GLU H 163 -29.02 -28.06 -21.59
N VAL H 164 -28.09 -28.73 -22.26
CA VAL H 164 -28.19 -30.16 -22.47
C VAL H 164 -27.57 -30.87 -21.26
N ILE H 165 -28.36 -31.70 -20.60
CA ILE H 165 -27.93 -32.40 -19.40
C ILE H 165 -27.64 -33.85 -19.74
N PRO H 166 -26.73 -34.51 -19.02
CA PRO H 166 -26.40 -35.91 -19.36
C PRO H 166 -27.59 -36.85 -19.32
N ALA H 167 -28.49 -36.68 -18.35
CA ALA H 167 -29.63 -37.57 -18.23
C ALA H 167 -30.73 -36.84 -17.47
N GLU H 168 -31.98 -37.24 -17.74
CA GLU H 168 -33.13 -36.66 -17.08
C GLU H 168 -33.23 -37.16 -15.66
N THR H 169 -32.31 -36.71 -14.80
CA THR H 169 -32.16 -37.22 -13.45
C THR H 169 -32.32 -36.07 -12.47
N GLY H 170 -32.70 -36.41 -11.23
CA GLY H 170 -32.88 -35.39 -10.22
C GLY H 170 -31.62 -34.60 -9.93
N GLN H 171 -30.45 -35.25 -10.00
CA GLN H 171 -29.21 -34.56 -9.69
C GLN H 171 -28.92 -33.45 -10.69
N GLU H 172 -29.10 -33.73 -11.98
CA GLU H 172 -28.87 -32.72 -13.00
C GLU H 172 -29.87 -31.57 -12.84
N THR H 173 -31.12 -31.90 -12.52
CA THR H 173 -32.13 -30.86 -12.33
C THR H 173 -31.78 -29.98 -11.14
N ALA H 174 -31.32 -30.58 -10.04
CA ALA H 174 -30.92 -29.80 -8.88
C ALA H 174 -29.73 -28.89 -9.19
N TYR H 175 -28.76 -29.40 -9.94
CA TYR H 175 -27.61 -28.59 -10.32
C TYR H 175 -28.03 -27.42 -11.21
N PHE H 176 -28.90 -27.69 -12.19
CA PHE H 176 -29.41 -26.65 -13.07
C PHE H 176 -30.15 -25.58 -12.27
N LEU H 177 -31.00 -26.01 -11.33
CA LEU H 177 -31.79 -25.04 -10.57
C LEU H 177 -30.94 -24.24 -9.62
N LEU H 178 -29.94 -24.86 -9.00
CA LEU H 178 -29.04 -24.09 -8.14
C LEU H 178 -28.26 -23.05 -8.94
N LYS H 179 -27.80 -23.43 -10.15
CA LYS H 179 -27.15 -22.47 -11.03
C LYS H 179 -28.10 -21.31 -11.35
N LEU H 180 -29.34 -21.62 -11.75
CA LEU H 180 -30.28 -20.57 -12.11
C LEU H 180 -30.56 -19.65 -10.94
N ALA H 181 -30.73 -20.21 -9.75
CA ALA H 181 -30.97 -19.39 -8.56
C ALA H 181 -29.77 -18.51 -8.26
N GLY H 182 -28.56 -18.99 -8.54
CA GLY H 182 -27.39 -18.16 -8.34
C GLY H 182 -27.20 -17.09 -9.39
N ARG H 183 -27.84 -17.24 -10.55
CA ARG H 183 -27.69 -16.28 -11.62
C ARG H 183 -28.79 -15.23 -11.67
N TRP H 184 -29.98 -15.56 -11.19
CA TRP H 184 -31.15 -14.69 -11.26
C TRP H 184 -31.91 -14.83 -9.95
N PRO H 185 -32.72 -13.83 -9.60
CA PRO H 185 -33.61 -14.02 -8.44
C PRO H 185 -34.77 -14.95 -8.77
N VAL H 186 -34.69 -16.18 -8.29
CA VAL H 186 -35.71 -17.18 -8.56
C VAL H 186 -36.46 -17.46 -7.26
N LYS H 187 -37.77 -17.27 -7.29
CA LYS H 187 -38.61 -17.45 -6.12
C LYS H 187 -39.55 -18.64 -6.22
N THR H 188 -40.25 -18.79 -7.35
CA THR H 188 -41.16 -19.90 -7.57
C THR H 188 -40.79 -20.59 -8.87
N VAL H 189 -40.93 -21.91 -8.89
CA VAL H 189 -40.64 -22.73 -10.06
C VAL H 189 -41.83 -23.63 -10.33
N HIS H 190 -42.28 -23.65 -11.59
CA HIS H 190 -43.39 -24.47 -12.01
C HIS H 190 -42.87 -25.67 -12.80
N THR H 191 -43.27 -26.87 -12.38
CA THR H 191 -42.86 -28.11 -13.04
C THR H 191 -44.09 -28.93 -13.38
N ASP H 192 -43.86 -30.14 -13.92
CA ASP H 192 -44.93 -30.97 -14.46
C ASP H 192 -45.01 -32.33 -13.78
N ASN H 193 -44.67 -32.39 -12.49
CA ASN H 193 -44.79 -33.62 -11.70
C ASN H 193 -43.94 -34.75 -12.26
N GLY H 194 -42.87 -34.42 -12.99
CA GLY H 194 -42.00 -35.44 -13.53
C GLY H 194 -41.17 -36.10 -12.44
N SER H 195 -40.55 -37.22 -12.81
CA SER H 195 -39.78 -38.00 -11.84
C SER H 195 -38.60 -37.21 -11.31
N ASN H 196 -37.93 -36.44 -12.18
CA ASN H 196 -36.78 -35.65 -11.72
C ASN H 196 -37.22 -34.49 -10.84
N PHE H 197 -38.24 -33.75 -11.26
CA PHE H 197 -38.61 -32.53 -10.55
C PHE H 197 -39.17 -32.82 -9.16
N THR H 198 -39.72 -34.01 -8.95
CA THR H 198 -40.27 -34.37 -7.65
C THR H 198 -39.28 -35.13 -6.78
N SER H 199 -38.00 -35.12 -7.14
CA SER H 199 -37.01 -35.88 -6.38
C SER H 199 -36.61 -35.13 -5.12
N THR H 200 -36.03 -35.88 -4.18
CA THR H 200 -35.59 -35.28 -2.93
C THR H 200 -34.42 -34.33 -3.13
N THR H 201 -33.57 -34.60 -4.12
CA THR H 201 -32.45 -33.71 -4.39
C THR H 201 -32.91 -32.34 -4.87
N VAL H 202 -33.91 -32.30 -5.76
CA VAL H 202 -34.43 -31.03 -6.23
C VAL H 202 -35.14 -30.29 -5.10
N LYS H 203 -35.86 -31.02 -4.25
CA LYS H 203 -36.51 -30.38 -3.11
C LYS H 203 -35.49 -29.77 -2.16
N ALA H 204 -34.41 -30.49 -1.89
CA ALA H 204 -33.35 -29.98 -1.02
C ALA H 204 -32.69 -28.75 -1.64
N ALA H 205 -32.46 -28.77 -2.95
CA ALA H 205 -31.88 -27.59 -3.61
C ALA H 205 -32.81 -26.40 -3.50
N CYS H 206 -34.11 -26.60 -3.71
CA CYS H 206 -35.06 -25.50 -3.59
C CYS H 206 -35.08 -24.97 -2.16
N TRP H 207 -35.02 -25.86 -1.18
CA TRP H 207 -35.01 -25.43 0.21
C TRP H 207 -33.78 -24.59 0.51
N TRP H 208 -32.62 -25.00 0.00
CA TRP H 208 -31.41 -24.21 0.23
C TRP H 208 -31.50 -22.85 -0.45
N ALA H 209 -31.98 -22.82 -1.69
CA ALA H 209 -32.03 -21.59 -2.47
C ALA H 209 -33.28 -20.76 -2.19
N GLY H 210 -34.16 -21.21 -1.30
CA GLY H 210 -35.35 -20.46 -0.99
C GLY H 210 -36.32 -20.34 -2.15
N ILE H 211 -36.50 -21.43 -2.90
CA ILE H 211 -37.38 -21.46 -4.05
C ILE H 211 -38.62 -22.25 -3.70
N LYS H 212 -39.78 -21.73 -4.06
CA LYS H 212 -41.04 -22.43 -3.87
C LYS H 212 -41.34 -23.29 -5.09
N GLN H 213 -41.85 -24.49 -4.85
CA GLN H 213 -42.14 -25.45 -5.90
C GLN H 213 -43.65 -25.57 -6.09
N LYS H 214 -44.10 -25.42 -7.33
CA LYS H 214 -45.51 -25.58 -7.69
C LYS H 214 -45.62 -26.56 -8.84
N PHE H 215 -46.65 -27.40 -8.80
CA PHE H 215 -46.82 -28.45 -9.80
C PHE H 215 -48.15 -28.29 -10.54
N GLY H 225 -48.53 -23.34 -20.19
CA GLY H 225 -48.66 -23.34 -21.64
C GLY H 225 -47.56 -22.59 -22.34
N VAL H 226 -46.89 -21.70 -21.60
CA VAL H 226 -45.78 -20.92 -22.18
C VAL H 226 -44.63 -21.84 -22.55
N ILE H 227 -44.41 -22.90 -21.76
CA ILE H 227 -43.26 -23.77 -22.00
C ILE H 227 -43.37 -24.50 -23.34
N GLU H 228 -44.58 -24.87 -23.75
CA GLU H 228 -44.74 -25.58 -25.03
C GLU H 228 -44.37 -24.68 -26.20
N SER H 229 -44.90 -23.45 -26.22
CA SER H 229 -44.55 -22.51 -27.28
C SER H 229 -43.07 -22.17 -27.25
N MET H 230 -42.51 -21.99 -26.05
CA MET H 230 -41.09 -21.67 -25.93
C MET H 230 -40.23 -22.83 -26.43
N ASN H 231 -40.62 -24.06 -26.13
CA ASN H 231 -39.89 -25.22 -26.63
C ASN H 231 -39.97 -25.30 -28.15
N LYS H 232 -41.13 -24.99 -28.71
CA LYS H 232 -41.27 -24.98 -30.17
C LYS H 232 -40.35 -23.95 -30.81
N GLU H 233 -40.32 -22.73 -30.24
CA GLU H 233 -39.45 -21.69 -30.78
C GLU H 233 -37.98 -22.06 -30.63
N LEU H 234 -37.61 -22.64 -29.48
CA LEU H 234 -36.23 -23.06 -29.27
C LEU H 234 -35.83 -24.14 -30.25
N LYS H 235 -36.72 -25.11 -30.50
CA LYS H 235 -36.42 -26.16 -31.45
C LYS H 235 -36.29 -25.59 -32.86
N LYS H 236 -37.13 -24.62 -33.22
CA LYS H 236 -37.02 -23.99 -34.53
C LYS H 236 -35.67 -23.29 -34.69
N ILE H 237 -35.25 -22.55 -33.66
CA ILE H 237 -33.97 -21.84 -33.73
C ILE H 237 -32.82 -22.84 -33.81
N ILE H 238 -32.90 -23.92 -33.04
CA ILE H 238 -31.86 -24.96 -33.09
C ILE H 238 -31.78 -25.57 -34.48
N GLY H 239 -32.93 -25.83 -35.09
CA GLY H 239 -32.92 -26.32 -36.46
C GLY H 239 -32.28 -25.33 -37.41
N GLN H 240 -32.48 -24.04 -37.16
CA GLN H 240 -31.90 -23.03 -38.04
C GLN H 240 -30.38 -22.96 -37.89
N VAL H 241 -29.86 -23.13 -36.68
CA VAL H 241 -28.44 -22.93 -36.43
C VAL H 241 -27.72 -24.24 -36.14
N ARG H 242 -28.30 -25.38 -36.51
CA ARG H 242 -27.64 -26.66 -36.28
C ARG H 242 -26.38 -26.81 -37.13
N ASP H 243 -26.42 -26.36 -38.38
CA ASP H 243 -25.29 -26.57 -39.28
C ASP H 243 -24.04 -25.81 -38.85
N GLN H 244 -24.17 -24.85 -37.94
CA GLN H 244 -23.03 -24.04 -37.52
C GLN H 244 -22.28 -24.64 -36.33
N ALA H 245 -22.73 -25.76 -35.80
CA ALA H 245 -22.09 -26.39 -34.65
C ALA H 245 -22.10 -27.89 -34.81
N GLU H 246 -21.00 -28.53 -34.41
CA GLU H 246 -20.91 -29.99 -34.52
C GLU H 246 -21.74 -30.68 -33.45
N HIS H 247 -21.69 -30.19 -32.22
CA HIS H 247 -22.38 -30.81 -31.10
C HIS H 247 -23.71 -30.11 -30.82
N LEU H 248 -24.60 -30.82 -30.12
CA LEU H 248 -25.91 -30.27 -29.83
C LEU H 248 -25.88 -29.23 -28.72
N LYS H 249 -24.99 -29.37 -27.74
CA LYS H 249 -24.94 -28.40 -26.65
C LYS H 249 -24.58 -27.01 -27.16
N THR H 250 -23.63 -26.93 -28.08
CA THR H 250 -23.24 -25.64 -28.64
C THR H 250 -24.38 -25.03 -29.44
N ALA H 251 -25.09 -25.84 -30.22
CA ALA H 251 -26.25 -25.34 -30.96
C ALA H 251 -27.32 -24.85 -30.01
N VAL H 252 -27.53 -25.55 -28.90
CA VAL H 252 -28.51 -25.12 -27.91
C VAL H 252 -28.14 -23.76 -27.35
N GLN H 253 -26.86 -23.58 -27.01
CA GLN H 253 -26.43 -22.30 -26.46
C GLN H 253 -26.52 -21.18 -27.49
N MET H 254 -26.21 -21.49 -28.74
CA MET H 254 -26.38 -20.50 -29.81
C MET H 254 -27.83 -20.09 -29.97
N ALA H 255 -28.74 -21.07 -29.88
CA ALA H 255 -30.16 -20.77 -29.95
C ALA H 255 -30.62 -19.92 -28.77
N VAL H 256 -30.10 -20.22 -27.58
CA VAL H 256 -30.43 -19.40 -26.41
C VAL H 256 -29.96 -17.97 -26.61
N PHE H 257 -28.75 -17.81 -27.13
CA PHE H 257 -28.22 -16.47 -27.44
C PHE H 257 -29.14 -15.74 -28.40
N ILE H 258 -29.54 -16.41 -29.49
CA ILE H 258 -30.37 -15.77 -30.50
C ILE H 258 -31.73 -15.39 -29.92
N HIS H 259 -32.33 -16.29 -29.14
CA HIS H 259 -33.64 -16.02 -28.58
C HIS H 259 -33.58 -14.86 -27.58
N ASN H 260 -32.54 -14.83 -26.74
CA ASN H 260 -32.51 -13.86 -25.66
C ASN H 260 -32.05 -12.49 -26.13
N PHE H 261 -31.30 -12.40 -27.22
CA PHE H 261 -30.74 -11.11 -27.62
C PHE H 261 -30.91 -10.76 -29.08
N LYS H 262 -31.12 -11.72 -29.97
CA LYS H 262 -31.21 -11.45 -31.40
C LYS H 262 -32.62 -11.54 -31.95
N ARG H 263 -33.60 -11.85 -31.12
CA ARG H 263 -35.00 -11.88 -31.52
C ARG H 263 -35.72 -10.74 -30.81
N LYS H 264 -36.31 -9.84 -31.59
CA LYS H 264 -36.93 -8.63 -31.06
C LYS H 264 -38.41 -8.59 -31.46
N GLY H 265 -39.26 -8.32 -30.49
CA GLY H 265 -40.67 -8.21 -30.74
C GLY H 265 -41.41 -7.72 -29.52
N GLY H 266 -42.72 -7.67 -29.63
CA GLY H 266 -43.57 -7.24 -28.53
C GLY H 266 -44.04 -5.81 -28.68
N ILE H 267 -44.46 -5.25 -27.55
CA ILE H 267 -45.04 -3.91 -27.54
C ILE H 267 -44.01 -2.88 -27.99
N GLY H 268 -42.82 -2.91 -27.39
CA GLY H 268 -41.79 -1.96 -27.66
C GLY H 268 -40.70 -2.41 -28.61
N GLY H 269 -40.82 -3.60 -29.17
CA GLY H 269 -39.76 -4.12 -30.03
C GLY H 269 -38.47 -4.39 -29.29
N TYR H 270 -38.55 -4.85 -28.05
CA TYR H 270 -37.38 -5.18 -27.26
C TYR H 270 -37.03 -6.65 -27.45
N SER H 271 -35.95 -7.09 -26.79
CA SER H 271 -35.60 -8.49 -26.73
C SER H 271 -35.87 -9.04 -25.34
N ALA H 272 -35.74 -10.35 -25.20
CA ALA H 272 -36.06 -11.00 -23.93
C ALA H 272 -35.11 -10.58 -22.82
N GLY H 273 -33.82 -10.39 -23.14
CA GLY H 273 -32.87 -9.94 -22.13
C GLY H 273 -33.18 -8.53 -21.64
N GLU H 274 -33.50 -7.62 -22.56
CA GLU H 274 -33.90 -6.29 -22.16
C GLU H 274 -35.14 -6.32 -21.26
N ARG H 275 -36.13 -7.13 -21.65
CA ARG H 275 -37.35 -7.23 -20.86
C ARG H 275 -37.08 -7.78 -19.47
N ILE H 276 -36.22 -8.79 -19.35
CA ILE H 276 -35.99 -9.36 -18.04
C ILE H 276 -35.21 -8.39 -17.16
N VAL H 277 -34.25 -7.64 -17.74
CA VAL H 277 -33.54 -6.65 -16.94
C VAL H 277 -34.49 -5.56 -16.47
N ASP H 278 -35.40 -5.11 -17.34
CA ASP H 278 -36.39 -4.11 -16.94
C ASP H 278 -37.29 -4.63 -15.83
N ILE H 279 -37.76 -5.87 -15.96
CA ILE H 279 -38.69 -6.43 -14.98
C ILE H 279 -37.99 -6.62 -13.64
N ILE H 280 -36.74 -7.08 -13.64
CA ILE H 280 -36.02 -7.25 -12.39
C ILE H 280 -35.69 -5.90 -11.76
N ALA H 281 -35.41 -4.88 -12.58
CA ALA H 281 -35.20 -3.54 -12.03
C ALA H 281 -36.46 -3.02 -11.36
N THR H 282 -37.62 -3.24 -11.99
CA THR H 282 -38.88 -2.85 -11.37
C THR H 282 -39.11 -3.63 -10.07
N ASP H 283 -38.76 -4.91 -10.06
CA ASP H 283 -38.90 -5.71 -8.85
C ASP H 283 -37.99 -5.18 -7.74
N ILE H 284 -36.79 -4.74 -8.09
CA ILE H 284 -35.90 -4.17 -7.09
C ILE H 284 -36.49 -2.87 -6.53
N GLN H 285 -37.05 -2.04 -7.41
CA GLN H 285 -37.71 -0.82 -6.93
C GLN H 285 -38.87 -1.15 -6.00
N THR H 286 -39.68 -2.13 -6.37
CA THR H 286 -40.82 -2.51 -5.53
C THR H 286 -40.35 -3.02 -4.17
N LYS H 287 -39.31 -3.84 -4.16
CA LYS H 287 -38.79 -4.35 -2.89
C LYS H 287 -38.24 -3.22 -2.03
N GLU H 288 -37.54 -2.26 -2.63
CA GLU H 288 -37.01 -1.14 -1.86
C GLU H 288 -38.14 -0.29 -1.27
N LEU H 289 -39.18 -0.03 -2.07
CA LEU H 289 -40.32 0.73 -1.56
C LEU H 289 -40.99 0.00 -0.41
N GLN H 290 -41.17 -1.32 -0.54
CA GLN H 290 -41.77 -2.09 0.54
C GLN H 290 -40.88 -2.07 1.78
N LYS H 291 -39.56 -2.13 1.59
CA LYS H 291 -38.64 -2.04 2.71
C LYS H 291 -38.83 -0.74 3.47
N GLN H 292 -38.91 0.37 2.73
CA GLN H 292 -39.06 1.68 3.36
C GLN H 292 -40.40 1.82 4.07
N ILE H 293 -41.47 1.29 3.47
CA ILE H 293 -42.77 1.30 4.14
C ILE H 293 -42.70 0.50 5.43
N THR H 294 -41.98 -0.63 5.41
CA THR H 294 -41.82 -1.43 6.61
C THR H 294 -41.05 -0.66 7.68
N LYS H 295 -40.01 0.09 7.29
CA LYS H 295 -39.29 0.88 8.28
C LYS H 295 -40.18 1.96 8.88
N ILE H 296 -40.99 2.63 8.06
CA ILE H 296 -41.73 3.80 8.55
C ILE H 296 -43.12 3.48 9.09
N GLN H 297 -43.57 2.23 8.99
CA GLN H 297 -44.89 1.93 9.52
C GLN H 297 -44.89 1.78 11.03
N ASN H 298 -43.74 1.65 11.67
CA ASN H 298 -43.65 1.46 13.11
C ASN H 298 -43.53 2.77 13.86
N PHE H 299 -43.65 3.90 13.17
CA PHE H 299 -43.51 5.21 13.79
C PHE H 299 -44.88 5.88 13.96
N ARG H 300 -44.95 6.75 14.97
CA ARG H 300 -46.14 7.54 15.25
C ARG H 300 -45.74 9.00 15.41
N VAL H 301 -46.50 9.89 14.79
CA VAL H 301 -46.19 11.32 14.76
C VAL H 301 -47.30 12.08 15.46
N TYR H 302 -46.93 12.95 16.39
CA TYR H 302 -47.85 13.89 17.02
C TYR H 302 -47.50 15.30 16.53
N TYR H 303 -48.45 15.95 15.87
CA TYR H 303 -48.21 17.22 15.21
C TYR H 303 -49.14 18.30 15.73
N ARG H 304 -48.66 19.54 15.68
CA ARG H 304 -49.38 20.71 16.17
C ARG H 304 -49.85 20.53 17.62
N TRP H 311 -51.05 18.95 21.51
CA TRP H 311 -50.75 18.17 20.29
C TRP H 311 -51.95 17.35 19.86
N LYS H 312 -52.04 17.08 18.56
CA LYS H 312 -53.17 16.36 18.00
C LYS H 312 -53.01 14.86 18.20
N GLY H 313 -53.92 14.09 17.59
CA GLY H 313 -53.93 12.66 17.73
C GLY H 313 -52.76 12.00 17.03
N PRO H 314 -52.45 10.77 17.42
CA PRO H 314 -51.33 10.06 16.80
C PRO H 314 -51.58 9.85 15.30
N ALA H 315 -50.51 10.00 14.53
CA ALA H 315 -50.58 9.88 13.08
C ALA H 315 -49.45 9.00 12.59
N LYS H 316 -49.67 8.34 11.45
CA LYS H 316 -48.62 7.54 10.85
C LYS H 316 -47.65 8.43 10.09
N LEU H 317 -46.42 7.94 9.94
CA LEU H 317 -45.37 8.69 9.27
C LEU H 317 -45.27 8.26 7.82
N LEU H 318 -45.13 9.23 6.92
CA LEU H 318 -44.95 8.96 5.50
C LEU H 318 -43.57 9.39 5.00
N TRP H 319 -43.19 10.64 5.23
CA TRP H 319 -41.92 11.14 4.74
C TRP H 319 -41.27 12.05 5.77
N LYS H 320 -39.94 11.94 5.89
CA LYS H 320 -39.13 12.81 6.73
C LYS H 320 -37.91 13.21 5.91
N GLY H 321 -38.04 14.26 5.12
CA GLY H 321 -37.03 14.65 4.15
C GLY H 321 -36.35 15.96 4.46
N GLU H 322 -35.89 16.64 3.41
CA GLU H 322 -35.22 17.92 3.56
C GLU H 322 -36.16 19.07 3.89
N GLY H 323 -37.33 19.13 3.25
CA GLY H 323 -38.24 20.23 3.47
C GLY H 323 -38.96 20.20 4.80
N ALA H 324 -39.84 19.21 4.98
CA ALA H 324 -40.68 19.11 6.17
C ALA H 324 -40.99 17.64 6.39
N VAL H 325 -42.01 17.39 7.21
CA VAL H 325 -42.44 16.04 7.57
C VAL H 325 -43.86 15.84 7.06
N VAL H 326 -44.05 14.82 6.22
CA VAL H 326 -45.35 14.50 5.65
C VAL H 326 -45.92 13.32 6.43
N ILE H 327 -47.12 13.49 6.98
CA ILE H 327 -47.81 12.47 7.76
C ILE H 327 -49.21 12.29 7.22
N GLN H 328 -49.92 11.29 7.74
CA GLN H 328 -51.32 11.06 7.44
C GLN H 328 -52.09 10.96 8.75
N ASP H 329 -53.18 11.71 8.85
CA ASP H 329 -54.03 11.69 10.04
C ASP H 329 -55.49 11.70 9.60
N ASN H 330 -56.25 10.71 10.08
CA ASN H 330 -57.67 10.59 9.77
C ASN H 330 -57.93 10.62 8.26
N SER H 331 -57.21 9.76 7.54
CA SER H 331 -57.33 9.64 6.09
C SER H 331 -57.17 11.00 5.39
N ASP H 332 -56.22 11.79 5.85
CA ASP H 332 -55.93 13.10 5.27
C ASP H 332 -54.46 13.41 5.48
N ILE H 333 -53.73 13.59 4.39
CA ILE H 333 -52.27 13.75 4.45
C ILE H 333 -51.93 15.20 4.67
N LYS H 334 -51.09 15.46 5.67
CA LYS H 334 -50.71 16.81 6.06
C LYS H 334 -49.18 16.92 6.06
N VAL H 335 -48.71 18.17 6.04
CA VAL H 335 -47.29 18.48 6.05
C VAL H 335 -47.01 19.45 7.18
N VAL H 336 -46.05 19.13 8.03
CA VAL H 336 -45.71 19.99 9.17
C VAL H 336 -44.20 20.06 9.31
N PRO H 337 -43.69 21.19 9.80
CA PRO H 337 -42.26 21.31 10.06
C PRO H 337 -41.84 20.43 11.23
N ARG H 338 -40.52 20.28 11.38
CA ARG H 338 -39.98 19.38 12.39
C ARG H 338 -40.37 19.80 13.80
N ARG H 339 -40.11 21.06 14.15
CA ARG H 339 -40.35 21.54 15.50
C ARG H 339 -41.83 21.52 15.87
N LYS H 340 -42.73 21.43 14.89
CA LYS H 340 -44.16 21.30 15.14
C LYS H 340 -44.60 19.84 15.15
N ALA H 341 -43.67 18.89 15.18
CA ALA H 341 -44.02 17.48 15.16
C ALA H 341 -43.06 16.72 16.06
N LYS H 342 -43.53 15.56 16.53
CA LYS H 342 -42.72 14.66 17.35
C LYS H 342 -42.92 13.25 16.83
N ILE H 343 -41.84 12.60 16.44
CA ILE H 343 -41.86 11.25 15.87
C ILE H 343 -41.30 10.29 16.90
N ILE H 344 -42.09 9.28 17.26
CA ILE H 344 -41.72 8.29 18.25
C ILE H 344 -41.97 6.90 17.67
N ARG H 345 -41.50 5.89 18.39
CA ARG H 345 -41.64 4.50 17.95
C ARG H 345 -42.54 3.74 18.91
N ASP H 346 -43.49 3.00 18.35
CA ASP H 346 -44.42 2.19 19.15
C ASP H 346 -44.43 0.75 18.64
N GLU I 288 -41.82 17.92 -22.99
CA GLU I 288 -41.01 17.28 -24.00
C GLU I 288 -39.55 17.12 -23.56
N LEU I 289 -38.71 18.05 -24.01
CA LEU I 289 -37.28 17.93 -23.81
C LEU I 289 -36.89 18.04 -22.34
N GLN I 290 -37.56 18.95 -21.60
CA GLN I 290 -37.15 19.21 -20.22
C GLN I 290 -37.37 17.98 -19.33
N LYS I 291 -38.47 17.25 -19.54
CA LYS I 291 -38.70 16.05 -18.76
C LYS I 291 -37.61 15.02 -18.98
N GLN I 292 -37.22 14.81 -20.25
CA GLN I 292 -36.13 13.88 -20.55
C GLN I 292 -34.82 14.35 -19.94
N ILE I 293 -34.57 15.66 -19.97
CA ILE I 293 -33.34 16.21 -19.41
C ILE I 293 -33.28 15.94 -17.91
N THR I 294 -34.36 16.23 -17.20
CA THR I 294 -34.40 15.94 -15.77
C THR I 294 -34.26 14.45 -15.48
N LYS I 295 -34.89 13.61 -16.31
CA LYS I 295 -34.76 12.17 -16.15
C LYS I 295 -33.31 11.74 -16.27
N ILE I 296 -32.58 12.29 -17.24
CA ILE I 296 -31.17 11.96 -17.39
C ILE I 296 -30.36 12.45 -16.20
N GLN I 297 -30.63 13.68 -15.73
CA GLN I 297 -29.93 14.14 -14.52
C GLN I 297 -30.29 13.33 -13.29
N ASN I 298 -31.34 12.53 -13.32
CA ASN I 298 -31.66 11.71 -12.16
C ASN I 298 -30.68 10.56 -11.96
N PHE I 299 -29.79 10.29 -12.91
CA PHE I 299 -28.86 9.18 -12.80
C PHE I 299 -27.57 9.60 -12.10
N ARG I 300 -27.05 8.70 -11.27
CA ARG I 300 -25.84 8.94 -10.50
C ARG I 300 -24.63 8.28 -11.17
N VAL I 301 -23.48 8.94 -11.10
CA VAL I 301 -22.26 8.49 -11.75
C VAL I 301 -21.15 8.39 -10.71
N TYR I 302 -20.48 7.24 -10.68
CA TYR I 302 -19.28 7.03 -9.89
C TYR I 302 -18.10 6.93 -10.85
N TYR I 303 -17.10 7.78 -10.65
CA TYR I 303 -16.02 7.89 -11.62
C TYR I 303 -14.67 7.94 -10.91
N ARG I 304 -13.62 7.79 -11.72
CA ARG I 304 -12.25 7.89 -11.25
C ARG I 304 -11.45 8.78 -12.19
N ASP I 305 -10.35 9.31 -11.69
CA ASP I 305 -9.44 10.10 -12.50
C ASP I 305 -8.26 9.25 -12.93
N SER I 306 -7.37 9.83 -13.74
CA SER I 306 -6.31 9.04 -14.38
C SER I 306 -5.37 8.43 -13.36
N ARG I 307 -4.98 9.18 -12.34
CA ARG I 307 -3.98 8.71 -11.38
C ARG I 307 -4.55 8.46 -9.99
N ASP I 308 -5.85 8.61 -9.79
CA ASP I 308 -6.46 8.40 -8.49
C ASP I 308 -7.14 7.05 -8.45
N PRO I 309 -6.79 6.16 -7.52
CA PRO I 309 -7.44 4.85 -7.45
C PRO I 309 -8.74 4.83 -6.66
N VAL I 310 -9.19 5.98 -6.15
CA VAL I 310 -10.40 6.07 -5.35
C VAL I 310 -11.55 6.53 -6.24
N TRP I 311 -12.68 5.82 -6.17
CA TRP I 311 -13.83 6.18 -6.97
C TRP I 311 -14.50 7.42 -6.37
N LYS I 312 -14.70 8.43 -7.20
CA LYS I 312 -15.32 9.66 -6.73
C LYS I 312 -16.83 9.47 -6.59
N GLY I 313 -17.42 10.23 -5.67
CA GLY I 313 -18.78 10.04 -5.25
C GLY I 313 -19.81 10.20 -6.34
N PRO I 314 -21.08 10.06 -5.98
CA PRO I 314 -22.14 10.01 -7.00
C PRO I 314 -22.44 11.35 -7.65
N ALA I 315 -21.68 11.70 -8.68
CA ALA I 315 -21.95 12.91 -9.43
C ALA I 315 -23.25 12.76 -10.23
N LYS I 316 -23.77 13.89 -10.66
CA LYS I 316 -25.01 13.93 -11.43
C LYS I 316 -24.69 13.86 -12.92
N LEU I 317 -25.35 12.95 -13.62
CA LEU I 317 -25.13 12.76 -15.04
C LEU I 317 -25.80 13.87 -15.83
N LEU I 318 -25.07 14.46 -16.77
CA LEU I 318 -25.62 15.47 -17.66
C LEU I 318 -25.69 15.02 -19.11
N TRP I 319 -24.68 14.30 -19.58
CA TRP I 319 -24.66 13.84 -20.97
C TRP I 319 -23.96 12.50 -21.03
N LYS I 320 -24.46 11.61 -21.88
CA LYS I 320 -23.85 10.30 -22.09
C LYS I 320 -23.52 10.13 -23.56
N GLY I 321 -22.24 9.88 -23.85
CA GLY I 321 -21.78 9.66 -25.20
C GLY I 321 -21.23 8.26 -25.39
N GLU I 322 -20.73 8.02 -26.60
CA GLU I 322 -20.18 6.71 -26.92
C GLU I 322 -18.98 6.38 -26.04
N GLY I 323 -18.07 7.33 -25.88
CA GLY I 323 -16.86 7.07 -25.13
C GLY I 323 -16.61 8.01 -23.98
N ALA I 324 -17.42 9.06 -23.87
CA ALA I 324 -17.25 10.06 -22.83
C ALA I 324 -18.59 10.35 -22.17
N VAL I 325 -18.53 10.76 -20.91
CA VAL I 325 -19.70 11.09 -20.12
C VAL I 325 -19.46 12.44 -19.47
N VAL I 326 -20.44 13.33 -19.55
CA VAL I 326 -20.36 14.66 -18.96
C VAL I 326 -21.17 14.65 -17.68
N ILE I 327 -20.51 14.96 -16.57
CA ILE I 327 -21.10 14.88 -15.24
C ILE I 327 -20.90 16.21 -14.52
N GLN I 328 -21.62 16.38 -13.42
CA GLN I 328 -21.49 17.55 -12.56
C GLN I 328 -21.34 17.08 -11.13
N ASP I 329 -20.21 17.41 -10.51
CA ASP I 329 -19.87 16.94 -9.16
C ASP I 329 -19.62 18.15 -8.26
N ASN I 330 -20.64 18.52 -7.49
CA ASN I 330 -20.55 19.63 -6.53
C ASN I 330 -20.18 20.94 -7.25
N SER I 331 -21.05 21.34 -8.16
CA SER I 331 -20.88 22.57 -8.95
C SER I 331 -19.56 22.55 -9.71
N ASP I 332 -19.18 21.37 -10.21
CA ASP I 332 -17.97 21.21 -11.01
C ASP I 332 -18.29 20.26 -12.15
N ILE I 333 -18.24 20.78 -13.37
CA ILE I 333 -18.54 19.99 -14.56
C ILE I 333 -17.28 19.29 -15.03
N LYS I 334 -17.35 17.97 -15.16
CA LYS I 334 -16.23 17.16 -15.58
C LYS I 334 -16.62 16.30 -16.78
N VAL I 335 -15.62 15.93 -17.56
CA VAL I 335 -15.78 14.99 -18.67
C VAL I 335 -14.93 13.77 -18.37
N VAL I 336 -15.57 12.60 -18.31
CA VAL I 336 -14.92 11.37 -17.87
C VAL I 336 -14.96 10.36 -19.00
N PRO I 337 -13.90 9.60 -19.24
CA PRO I 337 -13.98 8.51 -20.20
C PRO I 337 -15.00 7.46 -19.75
N ARG I 338 -15.63 6.80 -20.73
CA ARG I 338 -16.61 5.77 -20.41
C ARG I 338 -15.99 4.63 -19.63
N ARG I 339 -14.70 4.34 -19.86
CA ARG I 339 -14.02 3.26 -19.17
C ARG I 339 -13.81 3.54 -17.69
N LYS I 340 -14.05 4.76 -17.23
CA LYS I 340 -13.85 5.12 -15.83
C LYS I 340 -15.14 5.55 -15.15
N ALA I 341 -16.30 5.20 -15.70
CA ALA I 341 -17.58 5.67 -15.19
C ALA I 341 -18.54 4.50 -15.00
N LYS I 342 -19.13 4.41 -13.81
CA LYS I 342 -20.21 3.49 -13.51
C LYS I 342 -21.47 4.32 -13.28
N ILE I 343 -22.43 4.21 -14.20
CA ILE I 343 -23.66 4.98 -14.14
C ILE I 343 -24.78 4.07 -13.64
N ILE I 344 -25.33 4.40 -12.48
CA ILE I 344 -26.45 3.72 -11.90
C ILE I 344 -27.68 4.63 -11.71
N ARG I 345 -28.60 4.31 -10.82
CA ARG I 345 -29.79 5.10 -10.53
C ARG I 345 -29.97 5.05 -9.09
N ASP I 346 -29.55 4.00 -8.45
CA ASP I 346 -29.66 3.85 -7.02
C ASP I 346 -31.11 3.78 -6.70
N TYR I 347 -31.62 2.59 -6.70
CA TYR I 347 -33.00 2.41 -6.51
C TYR I 347 -33.42 2.56 -5.07
N GLY I 348 -32.55 2.40 -4.15
CA GLY I 348 -32.84 2.60 -2.76
C GLY I 348 -33.12 4.01 -2.51
N LYS I 349 -32.38 4.85 -3.14
CA LYS I 349 -32.60 6.24 -3.06
C LYS I 349 -33.73 6.83 -3.95
N GLN I 350 -34.10 6.27 -5.08
CA GLN I 350 -35.13 6.81 -5.90
C GLN I 350 -36.32 6.61 -5.22
N MET I 351 -36.40 5.60 -4.40
CA MET I 351 -37.61 5.27 -3.80
C MET I 351 -37.63 5.86 -2.43
N ALA I 352 -36.65 6.64 -2.08
CA ALA I 352 -36.70 7.38 -0.82
C ALA I 352 -36.80 8.91 -1.03
N GLY I 353 -36.91 9.36 -2.24
CA GLY I 353 -36.91 10.78 -2.51
C GLY I 353 -35.88 11.51 -3.36
N ASN J 298 13.15 12.15 -28.31
CA ASN J 298 13.31 10.71 -28.16
C ASN J 298 13.56 10.34 -26.71
N PHE J 299 13.21 9.10 -26.35
CA PHE J 299 13.28 8.63 -24.97
C PHE J 299 14.05 7.32 -24.91
N ARG J 300 14.65 7.07 -23.75
CA ARG J 300 15.23 5.78 -23.43
C ARG J 300 14.34 5.09 -22.41
N VAL J 301 13.94 3.86 -22.69
CA VAL J 301 13.07 3.10 -21.81
C VAL J 301 13.84 1.90 -21.29
N TYR J 302 13.81 1.71 -19.98
CA TYR J 302 14.39 0.54 -19.32
C TYR J 302 13.26 -0.22 -18.65
N TYR J 303 13.14 -1.51 -18.95
CA TYR J 303 11.91 -2.22 -18.65
C TYR J 303 12.20 -3.57 -18.00
N ARG J 304 11.13 -4.34 -17.83
CA ARG J 304 11.15 -5.67 -17.22
C ARG J 304 9.95 -6.41 -17.78
N ASP J 305 10.18 -7.40 -18.66
CA ASP J 305 9.07 -7.91 -19.47
C ASP J 305 8.39 -9.15 -18.89
N SER J 306 9.12 -10.25 -18.75
CA SER J 306 8.47 -11.56 -18.56
C SER J 306 9.21 -12.39 -17.52
N ARG J 307 8.80 -12.22 -16.25
CA ARG J 307 9.27 -13.06 -15.15
C ARG J 307 10.79 -13.06 -15.01
N ASP J 308 11.46 -12.21 -15.78
CA ASP J 308 12.90 -12.06 -15.68
C ASP J 308 13.20 -10.95 -14.70
N PRO J 309 13.83 -11.23 -13.55
CA PRO J 309 14.13 -10.14 -12.61
C PRO J 309 15.10 -9.12 -13.15
N VAL J 310 15.84 -9.45 -14.22
CA VAL J 310 16.78 -8.50 -14.78
C VAL J 310 16.04 -7.37 -15.48
N TRP J 311 16.74 -6.24 -15.62
CA TRP J 311 16.23 -5.07 -16.32
C TRP J 311 16.98 -4.91 -17.64
N LYS J 312 16.24 -4.60 -18.69
CA LYS J 312 16.80 -4.45 -20.02
C LYS J 312 16.64 -3.01 -20.48
N GLY J 313 17.09 -2.73 -21.69
CA GLY J 313 17.05 -1.41 -22.24
C GLY J 313 18.43 -0.91 -22.64
N PRO J 314 18.49 0.28 -23.23
CA PRO J 314 17.38 1.19 -23.55
C PRO J 314 16.63 0.77 -24.80
N ALA J 315 15.35 1.14 -24.89
CA ALA J 315 14.53 0.83 -26.05
C ALA J 315 13.80 2.08 -26.50
N LYS J 316 13.43 2.11 -27.78
CA LYS J 316 12.68 3.24 -28.32
C LYS J 316 11.24 3.20 -27.84
N LEU J 317 10.77 4.31 -27.26
CA LEU J 317 9.38 4.40 -26.81
C LEU J 317 8.50 4.67 -28.02
N LEU J 318 7.70 3.68 -28.41
CA LEU J 318 6.79 3.83 -29.53
C LEU J 318 5.47 4.48 -29.13
N TRP J 319 4.96 4.12 -27.96
CA TRP J 319 3.65 4.61 -27.52
C TRP J 319 3.63 4.68 -26.01
N LYS J 320 2.95 5.68 -25.46
CA LYS J 320 2.78 5.79 -24.02
C LYS J 320 1.30 5.94 -23.71
N GLY J 321 0.81 5.11 -22.80
CA GLY J 321 -0.55 5.23 -22.32
C GLY J 321 -0.59 5.41 -20.82
N GLU J 322 -1.77 5.27 -20.23
CA GLU J 322 -1.90 5.31 -18.78
C GLU J 322 -1.72 3.89 -18.25
N GLY J 323 -0.60 3.64 -17.60
CA GLY J 323 -0.34 2.34 -17.02
C GLY J 323 0.44 1.37 -17.89
N ALA J 324 0.64 1.68 -19.17
CA ALA J 324 1.40 0.80 -20.04
C ALA J 324 2.10 1.60 -21.14
N VAL J 325 3.17 1.01 -21.68
CA VAL J 325 3.94 1.60 -22.75
C VAL J 325 4.22 0.54 -23.80
N VAL J 326 4.43 0.99 -25.04
CA VAL J 326 4.83 0.15 -26.16
C VAL J 326 6.20 0.60 -26.60
N ILE J 327 7.15 -0.32 -26.61
CA ILE J 327 8.56 -0.01 -26.86
C ILE J 327 9.08 -0.95 -27.95
N GLN J 328 10.22 -0.57 -28.52
CA GLN J 328 10.90 -1.37 -29.53
C GLN J 328 12.33 -1.63 -29.08
N ASP J 329 12.66 -2.89 -28.85
CA ASP J 329 14.00 -3.30 -28.44
C ASP J 329 14.54 -4.30 -29.44
N ASN J 330 15.38 -3.82 -30.36
CA ASN J 330 16.03 -4.65 -31.37
C ASN J 330 15.00 -5.32 -32.29
N SER J 331 14.22 -4.48 -32.96
CA SER J 331 13.18 -4.88 -33.91
C SER J 331 12.10 -5.76 -33.27
N ASP J 332 12.04 -5.80 -31.94
CA ASP J 332 11.03 -6.57 -31.22
C ASP J 332 10.16 -5.60 -30.43
N ILE J 333 8.89 -5.48 -30.80
CA ILE J 333 7.98 -4.58 -30.13
C ILE J 333 7.39 -5.28 -28.91
N LYS J 334 7.46 -4.63 -27.75
CA LYS J 334 6.94 -5.17 -26.51
C LYS J 334 5.97 -4.18 -25.88
N VAL J 335 5.04 -4.71 -25.11
CA VAL J 335 4.12 -3.92 -24.31
C VAL J 335 4.42 -4.21 -22.85
N VAL J 336 4.77 -3.16 -22.10
CA VAL J 336 5.23 -3.29 -20.73
C VAL J 336 4.35 -2.42 -19.84
N PRO J 337 3.86 -2.91 -18.71
CA PRO J 337 3.20 -2.02 -17.75
C PRO J 337 4.15 -0.94 -17.27
N ARG J 338 3.61 0.26 -17.07
CA ARG J 338 4.44 1.38 -16.64
C ARG J 338 4.99 1.18 -15.23
N ARG J 339 4.45 0.23 -14.47
CA ARG J 339 5.06 -0.13 -13.19
C ARG J 339 6.42 -0.77 -13.39
N LYS J 340 6.63 -1.43 -14.52
CA LYS J 340 7.88 -2.15 -14.80
C LYS J 340 8.73 -1.43 -15.84
N ALA J 341 8.58 -0.12 -15.98
CA ALA J 341 9.32 0.63 -16.97
C ALA J 341 9.75 1.97 -16.40
N LYS J 342 10.86 2.48 -16.92
CA LYS J 342 11.34 3.82 -16.60
C LYS J 342 11.68 4.51 -17.91
N ILE J 343 11.16 5.72 -18.09
CA ILE J 343 11.36 6.50 -19.30
C ILE J 343 12.24 7.69 -18.96
N ILE J 344 13.27 7.92 -19.77
CA ILE J 344 14.18 9.04 -19.59
C ILE J 344 14.21 9.89 -20.84
#